data_1WHZ
# 
_entry.id   1WHZ 
# 
_audit_conform.dict_name       mmcif_pdbx.dic 
_audit_conform.dict_version    5.399 
_audit_conform.dict_location   http://mmcif.pdb.org/dictionaries/ascii/mmcif_pdbx.dic 
# 
loop_
_database_2.database_id 
_database_2.database_code 
_database_2.pdbx_database_accession 
_database_2.pdbx_DOI 
PDB   1WHZ         pdb_00001whz 10.2210/pdb1whz/pdb 
RCSB  RCSB023598   ?            ?                   
WWPDB D_1000023598 ?            ?                   
# 
loop_
_pdbx_audit_revision_history.ordinal 
_pdbx_audit_revision_history.data_content_type 
_pdbx_audit_revision_history.major_revision 
_pdbx_audit_revision_history.minor_revision 
_pdbx_audit_revision_history.revision_date 
1 'Structure model' 1 0 2004-11-28 
2 'Structure model' 1 1 2008-04-30 
3 'Structure model' 1 2 2011-07-13 
4 'Structure model' 1 3 2016-09-28 
5 'Structure model' 1 4 2024-11-20 
# 
_pdbx_audit_revision_details.ordinal             1 
_pdbx_audit_revision_details.revision_ordinal    1 
_pdbx_audit_revision_details.data_content_type   'Structure model' 
_pdbx_audit_revision_details.provider            repository 
_pdbx_audit_revision_details.type                'Initial release' 
_pdbx_audit_revision_details.description         ? 
_pdbx_audit_revision_details.details             ? 
# 
loop_
_pdbx_audit_revision_group.ordinal 
_pdbx_audit_revision_group.revision_ordinal 
_pdbx_audit_revision_group.data_content_type 
_pdbx_audit_revision_group.group 
1 2 'Structure model' 'Version format compliance' 
2 3 'Structure model' 'Version format compliance' 
3 4 'Structure model' Other                       
4 5 'Structure model' 'Data collection'           
5 5 'Structure model' 'Database references'       
6 5 'Structure model' 'Derived calculations'      
7 5 'Structure model' 'Structure summary'         
# 
loop_
_pdbx_audit_revision_category.ordinal 
_pdbx_audit_revision_category.revision_ordinal 
_pdbx_audit_revision_category.data_content_type 
_pdbx_audit_revision_category.category 
1 5 'Structure model' chem_comp_atom            
2 5 'Structure model' chem_comp_bond            
3 5 'Structure model' database_2                
4 5 'Structure model' pdbx_entry_details        
5 5 'Structure model' pdbx_modification_feature 
6 5 'Structure model' struct_conn               
7 5 'Structure model' struct_site               
# 
loop_
_pdbx_audit_revision_item.ordinal 
_pdbx_audit_revision_item.revision_ordinal 
_pdbx_audit_revision_item.data_content_type 
_pdbx_audit_revision_item.item 
1 5 'Structure model' '_database_2.pdbx_DOI'                
2 5 'Structure model' '_database_2.pdbx_database_accession' 
3 5 'Structure model' '_struct_conn.pdbx_leaving_atom_flag' 
4 5 'Structure model' '_struct_site.pdbx_auth_asym_id'      
5 5 'Structure model' '_struct_site.pdbx_auth_comp_id'      
6 5 'Structure model' '_struct_site.pdbx_auth_seq_id'       
# 
_pdbx_database_status.status_code                     REL 
_pdbx_database_status.entry_id                        1WHZ 
_pdbx_database_status.recvd_initial_deposition_date   2004-05-28 
_pdbx_database_status.deposit_site                    PDBJ 
_pdbx_database_status.process_site                    PDBJ 
_pdbx_database_status.status_code_sf                  REL 
_pdbx_database_status.SG_entry                        Y 
_pdbx_database_status.status_code_mr                  ? 
_pdbx_database_status.status_code_cs                  ? 
_pdbx_database_status.methods_development_category    ? 
_pdbx_database_status.pdb_format_compatible           Y 
_pdbx_database_status.status_code_nmr_data            ? 
# 
_pdbx_database_related.db_name        TargetDB 
_pdbx_database_related.db_id          ttk003001707.1 
_pdbx_database_related.details        . 
_pdbx_database_related.content_type   unspecified 
# 
loop_
_audit_author.name 
_audit_author.pdbx_ordinal 
'Kanagawa, M.'                                           1 
'Yokoyama, S.'                                           2 
'Kuramitsu, S.'                                          3 
'RIKEN Structural Genomics/Proteomics Initiative (RSGI)' 4 
# 
_citation.id                        primary 
_citation.title                     'Crystal structure of a hypothetical protein from thermus thermophilus HB8' 
_citation.journal_abbrev            'To be Published' 
_citation.journal_volume            ? 
_citation.page_first                ? 
_citation.page_last                 ? 
_citation.year                      ? 
_citation.journal_id_ASTM           ? 
_citation.country                   ? 
_citation.journal_id_ISSN           ? 
_citation.journal_id_CSD            0353 
_citation.book_publisher            ? 
_citation.pdbx_database_id_PubMed   ? 
_citation.pdbx_database_id_DOI      ? 
# 
loop_
_citation_author.citation_id 
_citation_author.name 
_citation_author.ordinal 
_citation_author.identifier_ORCID 
primary 'Kanagawa, M.'  1 ? 
primary 'Yokoyama, S.'  2 ? 
primary 'Kuramitsu, S.' 3 ? 
# 
loop_
_entity.id 
_entity.type 
_entity.src_method 
_entity.pdbx_description 
_entity.formula_weight 
_entity.pdbx_number_of_molecules 
_entity.pdbx_ec 
_entity.pdbx_mutation 
_entity.pdbx_fragment 
_entity.details 
1 polymer     man 'Hypothetical protein' 8322.239 1   ? ? ? ? 
2 non-polymer syn 'CHLORIDE ION'         35.453   1   ? ? ? ? 
3 water       nat water                  18.015   120 ? ? ? ? 
# 
_entity_poly.entity_id                      1 
_entity_poly.type                           'polypeptide(L)' 
_entity_poly.nstd_linkage                   no 
_entity_poly.nstd_monomer                   yes 
_entity_poly.pdbx_seq_one_letter_code       
;(MSE)W(MSE)PPRPEEVARKLRRLGFVER(MSE)AKGGHRLYTHPDGRIVVVPFHSGELPKGTFKRILRDAGLTEEEFH
NL
;
_entity_poly.pdbx_seq_one_letter_code_can   MWMPPRPEEVARKLRRLGFVERMAKGGHRLYTHPDGRIVVVPFHSGELPKGTFKRILRDAGLTEEEFHNL 
_entity_poly.pdbx_strand_id                 A 
_entity_poly.pdbx_target_identifier         ttk003001707.1 
# 
loop_
_pdbx_entity_nonpoly.entity_id 
_pdbx_entity_nonpoly.name 
_pdbx_entity_nonpoly.comp_id 
2 'CHLORIDE ION' CL  
3 water          HOH 
# 
loop_
_entity_poly_seq.entity_id 
_entity_poly_seq.num 
_entity_poly_seq.mon_id 
_entity_poly_seq.hetero 
1 1  MSE n 
1 2  TRP n 
1 3  MSE n 
1 4  PRO n 
1 5  PRO n 
1 6  ARG n 
1 7  PRO n 
1 8  GLU n 
1 9  GLU n 
1 10 VAL n 
1 11 ALA n 
1 12 ARG n 
1 13 LYS n 
1 14 LEU n 
1 15 ARG n 
1 16 ARG n 
1 17 LEU n 
1 18 GLY n 
1 19 PHE n 
1 20 VAL n 
1 21 GLU n 
1 22 ARG n 
1 23 MSE n 
1 24 ALA n 
1 25 LYS n 
1 26 GLY n 
1 27 GLY n 
1 28 HIS n 
1 29 ARG n 
1 30 LEU n 
1 31 TYR n 
1 32 THR n 
1 33 HIS n 
1 34 PRO n 
1 35 ASP n 
1 36 GLY n 
1 37 ARG n 
1 38 ILE n 
1 39 VAL n 
1 40 VAL n 
1 41 VAL n 
1 42 PRO n 
1 43 PHE n 
1 44 HIS n 
1 45 SER n 
1 46 GLY n 
1 47 GLU n 
1 48 LEU n 
1 49 PRO n 
1 50 LYS n 
1 51 GLY n 
1 52 THR n 
1 53 PHE n 
1 54 LYS n 
1 55 ARG n 
1 56 ILE n 
1 57 LEU n 
1 58 ARG n 
1 59 ASP n 
1 60 ALA n 
1 61 GLY n 
1 62 LEU n 
1 63 THR n 
1 64 GLU n 
1 65 GLU n 
1 66 GLU n 
1 67 PHE n 
1 68 HIS n 
1 69 ASN n 
1 70 LEU n 
# 
_entity_src_gen.entity_id                          1 
_entity_src_gen.pdbx_src_id                        1 
_entity_src_gen.pdbx_alt_source_flag               sample 
_entity_src_gen.pdbx_seq_type                      ? 
_entity_src_gen.pdbx_beg_seq_num                   ? 
_entity_src_gen.pdbx_end_seq_num                   ? 
_entity_src_gen.gene_src_common_name               ? 
_entity_src_gen.gene_src_genus                     Thermus 
_entity_src_gen.pdbx_gene_src_gene                 ? 
_entity_src_gen.gene_src_species                   ? 
_entity_src_gen.gene_src_strain                    ? 
_entity_src_gen.gene_src_tissue                    ? 
_entity_src_gen.gene_src_tissue_fraction           ? 
_entity_src_gen.gene_src_details                   ? 
_entity_src_gen.pdbx_gene_src_fragment             ? 
_entity_src_gen.pdbx_gene_src_scientific_name      'Thermus thermophilus' 
_entity_src_gen.pdbx_gene_src_ncbi_taxonomy_id     274 
_entity_src_gen.pdbx_gene_src_variant              ? 
_entity_src_gen.pdbx_gene_src_cell_line            ? 
_entity_src_gen.pdbx_gene_src_atcc                 ? 
_entity_src_gen.pdbx_gene_src_organ                ? 
_entity_src_gen.pdbx_gene_src_organelle            ? 
_entity_src_gen.pdbx_gene_src_cell                 ? 
_entity_src_gen.pdbx_gene_src_cellular_location    ? 
_entity_src_gen.host_org_common_name               ? 
_entity_src_gen.pdbx_host_org_scientific_name      'Escherichia coli' 
_entity_src_gen.pdbx_host_org_ncbi_taxonomy_id     562 
_entity_src_gen.host_org_genus                     Escherichia 
_entity_src_gen.pdbx_host_org_gene                 ? 
_entity_src_gen.pdbx_host_org_organ                ? 
_entity_src_gen.host_org_species                   ? 
_entity_src_gen.pdbx_host_org_tissue               ? 
_entity_src_gen.pdbx_host_org_tissue_fraction      ? 
_entity_src_gen.pdbx_host_org_strain               'B834(DE3)' 
_entity_src_gen.pdbx_host_org_variant              ? 
_entity_src_gen.pdbx_host_org_cell_line            ? 
_entity_src_gen.pdbx_host_org_atcc                 ? 
_entity_src_gen.pdbx_host_org_culture_collection   ? 
_entity_src_gen.pdbx_host_org_cell                 ? 
_entity_src_gen.pdbx_host_org_organelle            ? 
_entity_src_gen.pdbx_host_org_cellular_location    ? 
_entity_src_gen.pdbx_host_org_vector_type          PLASMID 
_entity_src_gen.pdbx_host_org_vector               ? 
_entity_src_gen.host_org_details                   ? 
_entity_src_gen.expression_system_id               ? 
_entity_src_gen.plasmid_name                       PET11a 
_entity_src_gen.plasmid_details                    ? 
_entity_src_gen.pdbx_description                   ? 
# 
loop_
_chem_comp.id 
_chem_comp.type 
_chem_comp.mon_nstd_flag 
_chem_comp.name 
_chem_comp.pdbx_synonyms 
_chem_comp.formula 
_chem_comp.formula_weight 
ALA 'L-peptide linking' y ALANINE          ? 'C3 H7 N O2'     89.093  
ARG 'L-peptide linking' y ARGININE         ? 'C6 H15 N4 O2 1' 175.209 
ASN 'L-peptide linking' y ASPARAGINE       ? 'C4 H8 N2 O3'    132.118 
ASP 'L-peptide linking' y 'ASPARTIC ACID'  ? 'C4 H7 N O4'     133.103 
CL  non-polymer         . 'CHLORIDE ION'   ? 'Cl -1'          35.453  
GLU 'L-peptide linking' y 'GLUTAMIC ACID'  ? 'C5 H9 N O4'     147.129 
GLY 'peptide linking'   y GLYCINE          ? 'C2 H5 N O2'     75.067  
HIS 'L-peptide linking' y HISTIDINE        ? 'C6 H10 N3 O2 1' 156.162 
HOH non-polymer         . WATER            ? 'H2 O'           18.015  
ILE 'L-peptide linking' y ISOLEUCINE       ? 'C6 H13 N O2'    131.173 
LEU 'L-peptide linking' y LEUCINE          ? 'C6 H13 N O2'    131.173 
LYS 'L-peptide linking' y LYSINE           ? 'C6 H15 N2 O2 1' 147.195 
MSE 'L-peptide linking' n SELENOMETHIONINE ? 'C5 H11 N O2 Se' 196.106 
PHE 'L-peptide linking' y PHENYLALANINE    ? 'C9 H11 N O2'    165.189 
PRO 'L-peptide linking' y PROLINE          ? 'C5 H9 N O2'     115.130 
SER 'L-peptide linking' y SERINE           ? 'C3 H7 N O3'     105.093 
THR 'L-peptide linking' y THREONINE        ? 'C4 H9 N O3'     119.119 
TRP 'L-peptide linking' y TRYPTOPHAN       ? 'C11 H12 N2 O2'  204.225 
TYR 'L-peptide linking' y TYROSINE         ? 'C9 H11 N O3'    181.189 
VAL 'L-peptide linking' y VALINE           ? 'C5 H11 N O2'    117.146 
# 
loop_
_pdbx_poly_seq_scheme.asym_id 
_pdbx_poly_seq_scheme.entity_id 
_pdbx_poly_seq_scheme.seq_id 
_pdbx_poly_seq_scheme.mon_id 
_pdbx_poly_seq_scheme.ndb_seq_num 
_pdbx_poly_seq_scheme.pdb_seq_num 
_pdbx_poly_seq_scheme.auth_seq_num 
_pdbx_poly_seq_scheme.pdb_mon_id 
_pdbx_poly_seq_scheme.auth_mon_id 
_pdbx_poly_seq_scheme.pdb_strand_id 
_pdbx_poly_seq_scheme.pdb_ins_code 
_pdbx_poly_seq_scheme.hetero 
A 1 1  MSE 1  1  1  MSE MSE A . n 
A 1 2  TRP 2  2  2  TRP TRP A . n 
A 1 3  MSE 3  3  3  MSE MSE A . n 
A 1 4  PRO 4  4  4  PRO PRO A . n 
A 1 5  PRO 5  5  5  PRO PRO A . n 
A 1 6  ARG 6  6  6  ARG ARG A . n 
A 1 7  PRO 7  7  7  PRO PRO A . n 
A 1 8  GLU 8  8  8  GLU GLU A . n 
A 1 9  GLU 9  9  9  GLU GLU A . n 
A 1 10 VAL 10 10 10 VAL VAL A . n 
A 1 11 ALA 11 11 11 ALA ALA A . n 
A 1 12 ARG 12 12 12 ARG ARG A . n 
A 1 13 LYS 13 13 13 LYS LYS A . n 
A 1 14 LEU 14 14 14 LEU LEU A . n 
A 1 15 ARG 15 15 15 ARG ARG A . n 
A 1 16 ARG 16 16 16 ARG ARG A . n 
A 1 17 LEU 17 17 17 LEU LEU A . n 
A 1 18 GLY 18 18 18 GLY GLY A . n 
A 1 19 PHE 19 19 19 PHE PHE A . n 
A 1 20 VAL 20 20 20 VAL VAL A . n 
A 1 21 GLU 21 21 21 GLU GLU A . n 
A 1 22 ARG 22 22 22 ARG ARG A . n 
A 1 23 MSE 23 23 23 MSE MSE A . n 
A 1 24 ALA 24 24 24 ALA ALA A . n 
A 1 25 LYS 25 25 25 LYS LYS A . n 
A 1 26 GLY 26 26 26 GLY GLY A . n 
A 1 27 GLY 27 27 27 GLY GLY A . n 
A 1 28 HIS 28 28 28 HIS HIS A . n 
A 1 29 ARG 29 29 29 ARG ARG A . n 
A 1 30 LEU 30 30 30 LEU LEU A . n 
A 1 31 TYR 31 31 31 TYR TYR A . n 
A 1 32 THR 32 32 32 THR THR A . n 
A 1 33 HIS 33 33 33 HIS HIS A . n 
A 1 34 PRO 34 34 34 PRO PRO A . n 
A 1 35 ASP 35 35 35 ASP ASP A . n 
A 1 36 GLY 36 36 36 GLY GLY A . n 
A 1 37 ARG 37 37 37 ARG ARG A . n 
A 1 38 ILE 38 38 38 ILE ILE A . n 
A 1 39 VAL 39 39 39 VAL VAL A . n 
A 1 40 VAL 40 40 40 VAL VAL A . n 
A 1 41 VAL 41 41 41 VAL VAL A . n 
A 1 42 PRO 42 42 42 PRO PRO A . n 
A 1 43 PHE 43 43 43 PHE PHE A . n 
A 1 44 HIS 44 44 44 HIS HIS A . n 
A 1 45 SER 45 45 45 SER SER A . n 
A 1 46 GLY 46 46 46 GLY GLY A . n 
A 1 47 GLU 47 47 47 GLU GLU A . n 
A 1 48 LEU 48 48 48 LEU LEU A . n 
A 1 49 PRO 49 49 49 PRO PRO A . n 
A 1 50 LYS 50 50 50 LYS LYS A . n 
A 1 51 GLY 51 51 51 GLY GLY A . n 
A 1 52 THR 52 52 52 THR THR A . n 
A 1 53 PHE 53 53 53 PHE PHE A . n 
A 1 54 LYS 54 54 54 LYS LYS A . n 
A 1 55 ARG 55 55 55 ARG ARG A . n 
A 1 56 ILE 56 56 56 ILE ILE A . n 
A 1 57 LEU 57 57 57 LEU LEU A . n 
A 1 58 ARG 58 58 58 ARG ARG A . n 
A 1 59 ASP 59 59 59 ASP ASP A . n 
A 1 60 ALA 60 60 60 ALA ALA A . n 
A 1 61 GLY 61 61 61 GLY GLY A . n 
A 1 62 LEU 62 62 62 LEU LEU A . n 
A 1 63 THR 63 63 63 THR THR A . n 
A 1 64 GLU 64 64 64 GLU GLU A . n 
A 1 65 GLU 65 65 65 GLU GLU A . n 
A 1 66 GLU 66 66 66 GLU GLU A . n 
A 1 67 PHE 67 67 67 PHE PHE A . n 
A 1 68 HIS 68 68 68 HIS HIS A . n 
A 1 69 ASN 69 69 69 ASN ASN A . n 
A 1 70 LEU 70 70 70 LEU LEU A . n 
# 
loop_
_pdbx_nonpoly_scheme.asym_id 
_pdbx_nonpoly_scheme.entity_id 
_pdbx_nonpoly_scheme.mon_id 
_pdbx_nonpoly_scheme.ndb_seq_num 
_pdbx_nonpoly_scheme.pdb_seq_num 
_pdbx_nonpoly_scheme.auth_seq_num 
_pdbx_nonpoly_scheme.pdb_mon_id 
_pdbx_nonpoly_scheme.auth_mon_id 
_pdbx_nonpoly_scheme.pdb_strand_id 
_pdbx_nonpoly_scheme.pdb_ins_code 
B 2 CL  1   1001 1   CL  CL  A . 
C 3 HOH 1   1002 1   HOH TIP A . 
C 3 HOH 2   1003 2   HOH TIP A . 
C 3 HOH 3   1004 3   HOH TIP A . 
C 3 HOH 4   1005 4   HOH TIP A . 
C 3 HOH 5   1006 5   HOH TIP A . 
C 3 HOH 6   1007 6   HOH TIP A . 
C 3 HOH 7   1008 7   HOH TIP A . 
C 3 HOH 8   1009 8   HOH TIP A . 
C 3 HOH 9   1010 9   HOH TIP A . 
C 3 HOH 10  1011 10  HOH TIP A . 
C 3 HOH 11  1012 11  HOH TIP A . 
C 3 HOH 12  1013 12  HOH TIP A . 
C 3 HOH 13  1014 13  HOH TIP A . 
C 3 HOH 14  1015 14  HOH TIP A . 
C 3 HOH 15  1016 15  HOH TIP A . 
C 3 HOH 16  1017 16  HOH TIP A . 
C 3 HOH 17  1018 17  HOH TIP A . 
C 3 HOH 18  1019 18  HOH TIP A . 
C 3 HOH 19  1020 19  HOH TIP A . 
C 3 HOH 20  1021 20  HOH TIP A . 
C 3 HOH 21  1022 21  HOH TIP A . 
C 3 HOH 22  1023 22  HOH TIP A . 
C 3 HOH 23  1024 23  HOH TIP A . 
C 3 HOH 24  1025 24  HOH TIP A . 
C 3 HOH 25  1026 25  HOH TIP A . 
C 3 HOH 26  1027 26  HOH TIP A . 
C 3 HOH 27  1028 27  HOH TIP A . 
C 3 HOH 28  1029 28  HOH TIP A . 
C 3 HOH 29  1030 29  HOH TIP A . 
C 3 HOH 30  1031 30  HOH TIP A . 
C 3 HOH 31  1032 31  HOH TIP A . 
C 3 HOH 32  1033 32  HOH TIP A . 
C 3 HOH 33  1034 33  HOH TIP A . 
C 3 HOH 34  1035 34  HOH TIP A . 
C 3 HOH 35  1036 35  HOH TIP A . 
C 3 HOH 36  1037 36  HOH TIP A . 
C 3 HOH 37  1038 37  HOH TIP A . 
C 3 HOH 38  1039 38  HOH TIP A . 
C 3 HOH 39  1040 39  HOH TIP A . 
C 3 HOH 40  1041 40  HOH TIP A . 
C 3 HOH 41  1042 41  HOH TIP A . 
C 3 HOH 42  1043 42  HOH TIP A . 
C 3 HOH 43  1044 43  HOH TIP A . 
C 3 HOH 44  1045 44  HOH TIP A . 
C 3 HOH 45  1046 45  HOH TIP A . 
C 3 HOH 46  1047 46  HOH TIP A . 
C 3 HOH 47  1048 48  HOH TIP A . 
C 3 HOH 48  1049 49  HOH TIP A . 
C 3 HOH 49  1050 50  HOH TIP A . 
C 3 HOH 50  1051 51  HOH TIP A . 
C 3 HOH 51  1052 52  HOH TIP A . 
C 3 HOH 52  1053 53  HOH TIP A . 
C 3 HOH 53  1054 54  HOH TIP A . 
C 3 HOH 54  1055 55  HOH TIP A . 
C 3 HOH 55  1056 56  HOH TIP A . 
C 3 HOH 56  1057 57  HOH TIP A . 
C 3 HOH 57  1058 58  HOH TIP A . 
C 3 HOH 58  1059 59  HOH TIP A . 
C 3 HOH 59  1060 60  HOH TIP A . 
C 3 HOH 60  1061 61  HOH TIP A . 
C 3 HOH 61  1062 62  HOH TIP A . 
C 3 HOH 62  1063 63  HOH TIP A . 
C 3 HOH 63  1064 64  HOH TIP A . 
C 3 HOH 64  1065 65  HOH TIP A . 
C 3 HOH 65  1066 66  HOH TIP A . 
C 3 HOH 66  1067 67  HOH TIP A . 
C 3 HOH 67  1068 68  HOH TIP A . 
C 3 HOH 68  1069 69  HOH TIP A . 
C 3 HOH 69  1070 70  HOH TIP A . 
C 3 HOH 70  1071 71  HOH TIP A . 
C 3 HOH 71  1072 72  HOH TIP A . 
C 3 HOH 72  1073 73  HOH TIP A . 
C 3 HOH 73  1074 74  HOH TIP A . 
C 3 HOH 74  1075 75  HOH TIP A . 
C 3 HOH 75  1076 76  HOH TIP A . 
C 3 HOH 76  1077 77  HOH TIP A . 
C 3 HOH 77  1078 78  HOH TIP A . 
C 3 HOH 78  1079 79  HOH TIP A . 
C 3 HOH 79  1080 80  HOH TIP A . 
C 3 HOH 80  1081 81  HOH TIP A . 
C 3 HOH 81  1082 82  HOH TIP A . 
C 3 HOH 82  1083 83  HOH TIP A . 
C 3 HOH 83  1084 84  HOH TIP A . 
C 3 HOH 84  1085 85  HOH TIP A . 
C 3 HOH 85  1086 86  HOH TIP A . 
C 3 HOH 86  1087 88  HOH TIP A . 
C 3 HOH 87  1088 89  HOH TIP A . 
C 3 HOH 88  1089 90  HOH TIP A . 
C 3 HOH 89  1090 91  HOH TIP A . 
C 3 HOH 90  1091 92  HOH TIP A . 
C 3 HOH 91  1092 93  HOH TIP A . 
C 3 HOH 92  1093 94  HOH TIP A . 
C 3 HOH 93  1094 95  HOH TIP A . 
C 3 HOH 94  1095 96  HOH TIP A . 
C 3 HOH 95  1096 97  HOH TIP A . 
C 3 HOH 96  1097 98  HOH TIP A . 
C 3 HOH 97  1098 99  HOH TIP A . 
C 3 HOH 98  1099 100 HOH TIP A . 
C 3 HOH 99  1100 101 HOH TIP A . 
C 3 HOH 100 1101 102 HOH TIP A . 
C 3 HOH 101 1102 103 HOH TIP A . 
C 3 HOH 102 1103 104 HOH TIP A . 
C 3 HOH 103 1104 105 HOH TIP A . 
C 3 HOH 104 1105 106 HOH TIP A . 
C 3 HOH 105 1106 107 HOH TIP A . 
C 3 HOH 106 1107 108 HOH TIP A . 
C 3 HOH 107 1108 109 HOH TIP A . 
C 3 HOH 108 1109 110 HOH TIP A . 
C 3 HOH 109 1110 111 HOH TIP A . 
C 3 HOH 110 1111 112 HOH TIP A . 
C 3 HOH 111 1112 113 HOH TIP A . 
C 3 HOH 112 1113 114 HOH TIP A . 
C 3 HOH 113 1114 115 HOH TIP A . 
C 3 HOH 114 1115 116 HOH TIP A . 
C 3 HOH 115 1116 117 HOH TIP A . 
C 3 HOH 116 1117 118 HOH TIP A . 
C 3 HOH 117 1118 119 HOH TIP A . 
C 3 HOH 118 1119 120 HOH TIP A . 
C 3 HOH 119 1120 121 HOH TIP A . 
C 3 HOH 120 1121 122 HOH TIP A . 
# 
loop_
_software.name 
_software.classification 
_software.version 
_software.citation_id 
_software.pdbx_ordinal 
CNS          refinement       1.1            ? 1 
CrystalClear 'data reduction' '(MSC/RIGAKU)' ? 2 
SCALEPACK    'data scaling'   .              ? 3 
SOLVE        phasing          .              ? 4 
# 
_cell.entry_id           1WHZ 
_cell.length_a           27.040 
_cell.length_b           27.910 
_cell.length_c           36.990 
_cell.angle_alpha        90.00 
_cell.angle_beta         90.31 
_cell.angle_gamma        90.00 
_cell.Z_PDB              2 
_cell.pdbx_unique_axis   ? 
_cell.length_a_esd       ? 
_cell.length_b_esd       ? 
_cell.length_c_esd       ? 
_cell.angle_alpha_esd    ? 
_cell.angle_beta_esd     ? 
_cell.angle_gamma_esd    ? 
# 
_symmetry.entry_id                         1WHZ 
_symmetry.space_group_name_H-M             'P 1 21 1' 
_symmetry.pdbx_full_space_group_name_H-M   ? 
_symmetry.cell_setting                     ? 
_symmetry.Int_Tables_number                4 
_symmetry.space_group_name_Hall            ? 
# 
_exptl.entry_id          1WHZ 
_exptl.method            'X-RAY DIFFRACTION' 
_exptl.crystals_number   1 
# 
_exptl_crystal.id                    1 
_exptl_crystal.density_meas          ? 
_exptl_crystal.density_Matthews      1.68 
_exptl_crystal.density_percent_sol   26.66 
_exptl_crystal.description           ? 
_exptl_crystal.F_000                 ? 
_exptl_crystal.preparation           ? 
# 
_exptl_crystal_grow.crystal_id      1 
_exptl_crystal_grow.method          'VAPOR DIFFUSION' 
_exptl_crystal_grow.temp            293 
_exptl_crystal_grow.temp_details    ? 
_exptl_crystal_grow.pH              9.2 
_exptl_crystal_grow.pdbx_details    'PegMME, natrium chloride, Bicine, pH 9.2, VAPOR DIFFUSION, temperature 293K' 
_exptl_crystal_grow.pdbx_pH_range   . 
# 
_diffrn.id                     1 
_diffrn.ambient_temp           100 
_diffrn.ambient_temp_details   ? 
_diffrn.crystal_id             1 
# 
_diffrn_detector.diffrn_id              1 
_diffrn_detector.detector               CCD 
_diffrn_detector.type                   'RIGAKU JUPITER 210' 
_diffrn_detector.pdbx_collection_date   2004-03-13 
_diffrn_detector.details                ? 
# 
_diffrn_radiation.diffrn_id                        1 
_diffrn_radiation.wavelength_id                    1 
_diffrn_radiation.pdbx_monochromatic_or_laue_m_l   M 
_diffrn_radiation.monochromator                    'Si double crystal' 
_diffrn_radiation.pdbx_diffrn_protocol             MAD 
_diffrn_radiation.pdbx_scattering_type             x-ray 
# 
loop_
_diffrn_radiation_wavelength.id 
_diffrn_radiation_wavelength.wavelength 
_diffrn_radiation_wavelength.wt 
1 0.9000   1.0 
2 0.979105 1.0 
3 0.979416 1.0 
# 
_diffrn_source.diffrn_id                   1 
_diffrn_source.source                      SYNCHROTRON 
_diffrn_source.type                        'SPRING-8 BEAMLINE BL26B1' 
_diffrn_source.pdbx_synchrotron_site       SPring-8 
_diffrn_source.pdbx_synchrotron_beamline   BL26B1 
_diffrn_source.pdbx_wavelength             ? 
_diffrn_source.pdbx_wavelength_list        '0.9000, 0.979105, 0.979416' 
# 
_reflns.entry_id                     1WHZ 
_reflns.observed_criterion_sigma_I   ? 
_reflns.observed_criterion_sigma_F   ? 
_reflns.d_resolution_low             36.99 
_reflns.d_resolution_high            1.52 
_reflns.number_obs                   ? 
_reflns.number_all                   8647 
_reflns.percent_possible_obs         99.6 
_reflns.pdbx_Rmerge_I_obs            ? 
_reflns.pdbx_Rsym_value              ? 
_reflns.pdbx_netI_over_sigmaI        ? 
_reflns.B_iso_Wilson_estimate        12.8 
_reflns.pdbx_redundancy              ? 
_reflns.R_free_details               ? 
_reflns.limit_h_max                  ? 
_reflns.limit_h_min                  ? 
_reflns.limit_k_max                  ? 
_reflns.limit_k_min                  ? 
_reflns.limit_l_max                  ? 
_reflns.limit_l_min                  ? 
_reflns.observed_criterion_F_max     ? 
_reflns.observed_criterion_F_min     ? 
_reflns.pdbx_chi_squared             ? 
_reflns.pdbx_scaling_rejects         ? 
_reflns.pdbx_ordinal                 1 
_reflns.pdbx_diffrn_id               1 
# 
_reflns_shell.d_res_high             1.52 
_reflns_shell.d_res_low              1.62 
_reflns_shell.percent_possible_all   99.9 
_reflns_shell.Rmerge_I_obs           ? 
_reflns_shell.pdbx_Rsym_value        ? 
_reflns_shell.meanI_over_sigI_obs    ? 
_reflns_shell.pdbx_redundancy        ? 
_reflns_shell.percent_possible_obs   ? 
_reflns_shell.number_unique_all      ? 
_reflns_shell.number_measured_all    ? 
_reflns_shell.number_measured_obs    ? 
_reflns_shell.number_unique_obs      ? 
_reflns_shell.pdbx_chi_squared       ? 
_reflns_shell.pdbx_ordinal           1 
_reflns_shell.pdbx_diffrn_id         1 
# 
_refine.entry_id                                 1WHZ 
_refine.ls_number_reflns_obs                     8647 
_refine.ls_number_reflns_all                     ? 
_refine.pdbx_ls_sigma_I                          ? 
_refine.pdbx_ls_sigma_F                          .0 
_refine.pdbx_data_cutoff_high_absF               482173.19 
_refine.pdbx_data_cutoff_low_absF                .000000 
_refine.pdbx_data_cutoff_high_rms_absF           ? 
_refine.ls_d_res_low                             36.99 
_refine.ls_d_res_high                            1.52 
_refine.ls_percent_reflns_obs                    99.6 
_refine.ls_R_factor_obs                          0.148 
_refine.ls_R_factor_all                          0.155 
_refine.ls_R_factor_R_work                       0.148 
_refine.ls_R_factor_R_free                       0.209 
_refine.ls_R_factor_R_free_error                 .007 
_refine.ls_R_factor_R_free_error_details         ? 
_refine.ls_percent_reflns_R_free                 10.7 
_refine.ls_number_reflns_R_free                  922 
_refine.ls_number_parameters                     ? 
_refine.ls_number_restraints                     ? 
_refine.occupancy_min                            ? 
_refine.occupancy_max                            ? 
_refine.correlation_coeff_Fo_to_Fc               ? 
_refine.correlation_coeff_Fo_to_Fc_free          ? 
_refine.B_iso_mean                               13.8 
_refine.aniso_B[1][1]                            .39 
_refine.aniso_B[2][2]                            -1.48 
_refine.aniso_B[3][3]                            1.09 
_refine.aniso_B[1][2]                            .00 
_refine.aniso_B[1][3]                            -.23 
_refine.aniso_B[2][3]                            .00 
_refine.solvent_model_details                    'FLAT MODEL' 
_refine.solvent_model_param_ksol                 .328647 
_refine.solvent_model_param_bsol                 50.6231 
_refine.pdbx_solvent_vdw_probe_radii             ? 
_refine.pdbx_solvent_ion_probe_radii             ? 
_refine.pdbx_solvent_shrinkage_radii             ? 
_refine.pdbx_ls_cross_valid_method               THROUGHOUT 
_refine.details                                  ? 
_refine.pdbx_starting_model                      ? 
_refine.pdbx_method_to_determine_struct          MAD 
_refine.pdbx_isotropic_thermal_model             RESTRAINED 
_refine.pdbx_stereochemistry_target_values       'Engh & Huber' 
_refine.pdbx_stereochem_target_val_spec_case     ? 
_refine.pdbx_R_Free_selection_details            RANDOM 
_refine.pdbx_overall_ESU_R                       ? 
_refine.pdbx_overall_ESU_R_Free                  ? 
_refine.overall_SU_ML                            ? 
_refine.overall_SU_B                             ? 
_refine.ls_redundancy_reflns_obs                 ? 
_refine.B_iso_min                                ? 
_refine.B_iso_max                                ? 
_refine.overall_SU_R_Cruickshank_DPI             ? 
_refine.overall_SU_R_free                        ? 
_refine.ls_wR_factor_R_free                      ? 
_refine.ls_wR_factor_R_work                      ? 
_refine.overall_FOM_free_R_set                   ? 
_refine.overall_FOM_work_R_set                   ? 
_refine.pdbx_refine_id                           'X-RAY DIFFRACTION' 
_refine.pdbx_overall_phase_error                 ? 
_refine.pdbx_diffrn_id                           1 
_refine.pdbx_TLS_residual_ADP_flag               ? 
_refine.pdbx_overall_SU_R_free_Cruickshank_DPI   ? 
_refine.pdbx_overall_SU_R_Blow_DPI               ? 
_refine.pdbx_overall_SU_R_free_Blow_DPI          ? 
# 
_refine_analyze.entry_id                        1WHZ 
_refine_analyze.Luzzati_coordinate_error_obs    .13 
_refine_analyze.Luzzati_sigma_a_obs             .07 
_refine_analyze.Luzzati_d_res_low_obs           5.00 
_refine_analyze.Luzzati_coordinate_error_free   .18 
_refine_analyze.Luzzati_sigma_a_free            .11 
_refine_analyze.Luzzati_d_res_low_free          ? 
_refine_analyze.number_disordered_residues      ? 
_refine_analyze.occupancy_sum_hydrogen          ? 
_refine_analyze.occupancy_sum_non_hydrogen      ? 
_refine_analyze.pdbx_Luzzati_d_res_high_obs     ? 
_refine_analyze.pdbx_refine_id                  'X-RAY DIFFRACTION' 
# 
_refine_hist.pdbx_refine_id                   'X-RAY DIFFRACTION' 
_refine_hist.cycle_id                         LAST 
_refine_hist.pdbx_number_atoms_protein        576 
_refine_hist.pdbx_number_atoms_nucleic_acid   0 
_refine_hist.pdbx_number_atoms_ligand         1 
_refine_hist.number_atoms_solvent             120 
_refine_hist.number_atoms_total               697 
_refine_hist.d_res_high                       1.52 
_refine_hist.d_res_low                        36.99 
# 
loop_
_refine_ls_restr.type 
_refine_ls_restr.dev_ideal 
_refine_ls_restr.dev_ideal_target 
_refine_ls_restr.weight 
_refine_ls_restr.number 
_refine_ls_restr.pdbx_refine_id 
_refine_ls_restr.pdbx_restraint_function 
c_bond_d           .035 ?    ? ? 'X-RAY DIFFRACTION' ? 
c_angle_deg        2.8  ?    ? ? 'X-RAY DIFFRACTION' ? 
c_dihedral_angle_d 25.4 ?    ? ? 'X-RAY DIFFRACTION' ? 
c_improper_angle_d 2.20 ?    ? ? 'X-RAY DIFFRACTION' ? 
c_mcbond_it        1.44 1.50 ? ? 'X-RAY DIFFRACTION' ? 
c_mcangle_it       2.18 2.00 ? ? 'X-RAY DIFFRACTION' ? 
c_scbond_it        2.58 2.00 ? ? 'X-RAY DIFFRACTION' ? 
c_scangle_it       3.70 2.50 ? ? 'X-RAY DIFFRACTION' ? 
# 
_refine_ls_shell.pdbx_total_number_of_bins_used   6 
_refine_ls_shell.d_res_high                       1.52 
_refine_ls_shell.d_res_low                        1.62 
_refine_ls_shell.number_reflns_R_work             1280 
_refine_ls_shell.R_factor_R_work                  0.174 
_refine_ls_shell.percent_reflns_obs               99.9 
_refine_ls_shell.R_factor_R_free                  0.23 
_refine_ls_shell.R_factor_R_free_error            .019 
_refine_ls_shell.percent_reflns_R_free            10.3 
_refine_ls_shell.number_reflns_R_free             147 
_refine_ls_shell.number_reflns_obs                ? 
_refine_ls_shell.redundancy_reflns_obs            ? 
_refine_ls_shell.number_reflns_all                ? 
_refine_ls_shell.pdbx_refine_id                   'X-RAY DIFFRACTION' 
_refine_ls_shell.R_factor_all                     ? 
# 
loop_
_pdbx_xplor_file.serial_no 
_pdbx_xplor_file.param_file 
_pdbx_xplor_file.topol_file 
_pdbx_xplor_file.pdbx_refine_id 
1 PROTEIN_REP.PARAM PROTEIN.TOP      'X-RAY DIFFRACTION' 
2 WATER_REP.PARAM   WATER_PROTIN.TOP 'X-RAY DIFFRACTION' 
3 ION.PARAM         ION.TOP          'X-RAY DIFFRACTION' 
# 
_struct.entry_id                  1WHZ 
_struct.title                     'Crystal structure of a hypothetical protein from thermus thermophilus HB8' 
_struct.pdbx_model_details        ? 
_struct.pdbx_CASP_flag            ? 
_struct.pdbx_model_type_details   ? 
# 
_struct_keywords.entry_id        1WHZ 
_struct_keywords.pdbx_keywords   'STRUCTURAL GENOMICS, UNKNOWN FUNCTION' 
_struct_keywords.text            
'Alpha and beta protein, STRUCTURAL GENOMICS, RIKEN Structural Genomics/Proteomics Initiative, RSGI, UNKNOWN FUNCTION' 
# 
loop_
_struct_asym.id 
_struct_asym.pdbx_blank_PDB_chainid_flag 
_struct_asym.pdbx_modified 
_struct_asym.entity_id 
_struct_asym.details 
A N N 1 ? 
B N N 2 ? 
C N N 3 ? 
# 
_struct_ref.id                         1 
_struct_ref.entity_id                  1 
_struct_ref.db_name                    UNP 
_struct_ref.db_code                    Q5SH17_THET8 
_struct_ref.pdbx_db_accession          Q5SH17 
_struct_ref.pdbx_align_begin           ? 
_struct_ref.pdbx_seq_one_letter_code   ? 
_struct_ref.pdbx_db_isoform            ? 
# 
_struct_ref_seq.align_id                      1 
_struct_ref_seq.ref_id                        1 
_struct_ref_seq.pdbx_PDB_id_code              1WHZ 
_struct_ref_seq.pdbx_strand_id                A 
_struct_ref_seq.seq_align_beg                 3 
_struct_ref_seq.pdbx_seq_align_beg_ins_code   ? 
_struct_ref_seq.seq_align_end                 70 
_struct_ref_seq.pdbx_seq_align_end_ins_code   ? 
_struct_ref_seq.pdbx_db_accession             Q5SH17 
_struct_ref_seq.db_align_beg                  1 
_struct_ref_seq.pdbx_db_align_beg_ins_code    ? 
_struct_ref_seq.db_align_end                  68 
_struct_ref_seq.pdbx_db_align_end_ins_code    ? 
_struct_ref_seq.pdbx_auth_seq_align_beg       3 
_struct_ref_seq.pdbx_auth_seq_align_end       70 
# 
_pdbx_struct_assembly.id                   1 
_pdbx_struct_assembly.details              author_defined_assembly 
_pdbx_struct_assembly.method_details       ? 
_pdbx_struct_assembly.oligomeric_details   monomeric 
_pdbx_struct_assembly.oligomeric_count     1 
# 
_pdbx_struct_assembly_gen.assembly_id       1 
_pdbx_struct_assembly_gen.oper_expression   1 
_pdbx_struct_assembly_gen.asym_id_list      A,B,C 
# 
_pdbx_struct_oper_list.id                   1 
_pdbx_struct_oper_list.type                 'identity operation' 
_pdbx_struct_oper_list.name                 1_555 
_pdbx_struct_oper_list.symmetry_operation   x,y,z 
_pdbx_struct_oper_list.matrix[1][1]         1.0000000000 
_pdbx_struct_oper_list.matrix[1][2]         0.0000000000 
_pdbx_struct_oper_list.matrix[1][3]         0.0000000000 
_pdbx_struct_oper_list.vector[1]            0.0000000000 
_pdbx_struct_oper_list.matrix[2][1]         0.0000000000 
_pdbx_struct_oper_list.matrix[2][2]         1.0000000000 
_pdbx_struct_oper_list.matrix[2][3]         0.0000000000 
_pdbx_struct_oper_list.vector[2]            0.0000000000 
_pdbx_struct_oper_list.matrix[3][1]         0.0000000000 
_pdbx_struct_oper_list.matrix[3][2]         0.0000000000 
_pdbx_struct_oper_list.matrix[3][3]         1.0000000000 
_pdbx_struct_oper_list.vector[3]            0.0000000000 
# 
_struct_biol.id        1 
_struct_biol.details   ? 
# 
loop_
_struct_conf.conf_type_id 
_struct_conf.id 
_struct_conf.pdbx_PDB_helix_id 
_struct_conf.beg_label_comp_id 
_struct_conf.beg_label_asym_id 
_struct_conf.beg_label_seq_id 
_struct_conf.pdbx_beg_PDB_ins_code 
_struct_conf.end_label_comp_id 
_struct_conf.end_label_asym_id 
_struct_conf.end_label_seq_id 
_struct_conf.pdbx_end_PDB_ins_code 
_struct_conf.beg_auth_comp_id 
_struct_conf.beg_auth_asym_id 
_struct_conf.beg_auth_seq_id 
_struct_conf.end_auth_comp_id 
_struct_conf.end_auth_asym_id 
_struct_conf.end_auth_seq_id 
_struct_conf.pdbx_PDB_helix_class 
_struct_conf.details 
_struct_conf.pdbx_PDB_helix_length 
HELX_P HELX_P1 1 ARG A 6  ? LEU A 17 ? ARG A 6  LEU A 17 1 ? 12 
HELX_P HELX_P2 2 PRO A 49 ? ALA A 60 ? PRO A 49 ALA A 60 1 ? 12 
HELX_P HELX_P3 3 THR A 63 ? LEU A 70 ? THR A 63 LEU A 70 1 ? 8  
# 
_struct_conf_type.id          HELX_P 
_struct_conf_type.criteria    ? 
_struct_conf_type.reference   ? 
# 
loop_
_struct_conn.id 
_struct_conn.conn_type_id 
_struct_conn.pdbx_leaving_atom_flag 
_struct_conn.pdbx_PDB_id 
_struct_conn.ptnr1_label_asym_id 
_struct_conn.ptnr1_label_comp_id 
_struct_conn.ptnr1_label_seq_id 
_struct_conn.ptnr1_label_atom_id 
_struct_conn.pdbx_ptnr1_label_alt_id 
_struct_conn.pdbx_ptnr1_PDB_ins_code 
_struct_conn.pdbx_ptnr1_standard_comp_id 
_struct_conn.ptnr1_symmetry 
_struct_conn.ptnr2_label_asym_id 
_struct_conn.ptnr2_label_comp_id 
_struct_conn.ptnr2_label_seq_id 
_struct_conn.ptnr2_label_atom_id 
_struct_conn.pdbx_ptnr2_label_alt_id 
_struct_conn.pdbx_ptnr2_PDB_ins_code 
_struct_conn.ptnr1_auth_asym_id 
_struct_conn.ptnr1_auth_comp_id 
_struct_conn.ptnr1_auth_seq_id 
_struct_conn.ptnr2_auth_asym_id 
_struct_conn.ptnr2_auth_comp_id 
_struct_conn.ptnr2_auth_seq_id 
_struct_conn.ptnr2_symmetry 
_struct_conn.pdbx_ptnr3_label_atom_id 
_struct_conn.pdbx_ptnr3_label_seq_id 
_struct_conn.pdbx_ptnr3_label_comp_id 
_struct_conn.pdbx_ptnr3_label_asym_id 
_struct_conn.pdbx_ptnr3_label_alt_id 
_struct_conn.pdbx_ptnr3_PDB_ins_code 
_struct_conn.details 
_struct_conn.pdbx_dist_value 
_struct_conn.pdbx_value_order 
_struct_conn.pdbx_role 
covale1 covale both ? A MSE 1  C ? ? ? 1_555 A TRP 2  N ? ? A MSE 1  A TRP 2  1_555 ? ? ? ? ? ? ? 1.362 ? ? 
covale2 covale both ? A TRP 2  C ? ? ? 1_555 A MSE 3  N ? ? A TRP 2  A MSE 3  1_555 ? ? ? ? ? ? ? 1.339 ? ? 
covale3 covale both ? A MSE 3  C ? ? ? 1_555 A PRO 4  N ? ? A MSE 3  A PRO 4  1_555 ? ? ? ? ? ? ? 1.306 ? ? 
covale4 covale both ? A ARG 22 C ? ? ? 1_555 A MSE 23 N ? ? A ARG 22 A MSE 23 1_555 ? ? ? ? ? ? ? 1.336 ? ? 
covale5 covale both ? A MSE 23 C ? ? ? 1_555 A ALA 24 N ? ? A MSE 23 A ALA 24 1_555 ? ? ? ? ? ? ? 1.303 ? ? 
# 
_struct_conn_type.id          covale 
_struct_conn_type.criteria    ? 
_struct_conn_type.reference   ? 
# 
loop_
_pdbx_modification_feature.ordinal 
_pdbx_modification_feature.label_comp_id 
_pdbx_modification_feature.label_asym_id 
_pdbx_modification_feature.label_seq_id 
_pdbx_modification_feature.label_alt_id 
_pdbx_modification_feature.modified_residue_label_comp_id 
_pdbx_modification_feature.modified_residue_label_asym_id 
_pdbx_modification_feature.modified_residue_label_seq_id 
_pdbx_modification_feature.modified_residue_label_alt_id 
_pdbx_modification_feature.auth_comp_id 
_pdbx_modification_feature.auth_asym_id 
_pdbx_modification_feature.auth_seq_id 
_pdbx_modification_feature.PDB_ins_code 
_pdbx_modification_feature.symmetry 
_pdbx_modification_feature.modified_residue_auth_comp_id 
_pdbx_modification_feature.modified_residue_auth_asym_id 
_pdbx_modification_feature.modified_residue_auth_seq_id 
_pdbx_modification_feature.modified_residue_PDB_ins_code 
_pdbx_modification_feature.modified_residue_symmetry 
_pdbx_modification_feature.comp_id_linking_atom 
_pdbx_modification_feature.modified_residue_id_linking_atom 
_pdbx_modification_feature.modified_residue_id 
_pdbx_modification_feature.ref_pcm_id 
_pdbx_modification_feature.ref_comp_id 
_pdbx_modification_feature.type 
_pdbx_modification_feature.category 
1 MSE A 1  ? . . . . MSE A 1  ? 1_555 . . . . . . . MET 1 MSE Selenomethionine 'Named protein modification' 
2 MSE A 3  ? . . . . MSE A 3  ? 1_555 . . . . . . . MET 1 MSE Selenomethionine 'Named protein modification' 
3 MSE A 23 ? . . . . MSE A 23 ? 1_555 . . . . . . . MET 1 MSE Selenomethionine 'Named protein modification' 
# 
_struct_sheet.id               A 
_struct_sheet.type             ? 
_struct_sheet.number_strands   3 
_struct_sheet.details          ? 
# 
loop_
_struct_sheet_order.sheet_id 
_struct_sheet_order.range_id_1 
_struct_sheet_order.range_id_2 
_struct_sheet_order.offset 
_struct_sheet_order.sense 
A 1 2 ? anti-parallel 
A 2 3 ? anti-parallel 
# 
loop_
_struct_sheet_range.sheet_id 
_struct_sheet_range.id 
_struct_sheet_range.beg_label_comp_id 
_struct_sheet_range.beg_label_asym_id 
_struct_sheet_range.beg_label_seq_id 
_struct_sheet_range.pdbx_beg_PDB_ins_code 
_struct_sheet_range.end_label_comp_id 
_struct_sheet_range.end_label_asym_id 
_struct_sheet_range.end_label_seq_id 
_struct_sheet_range.pdbx_end_PDB_ins_code 
_struct_sheet_range.beg_auth_comp_id 
_struct_sheet_range.beg_auth_asym_id 
_struct_sheet_range.beg_auth_seq_id 
_struct_sheet_range.end_auth_comp_id 
_struct_sheet_range.end_auth_asym_id 
_struct_sheet_range.end_auth_seq_id 
A 1 VAL A 20 ? LYS A 25 ? VAL A 20 LYS A 25 
A 2 HIS A 28 ? THR A 32 ? HIS A 28 THR A 32 
A 3 ILE A 38 ? PRO A 42 ? ILE A 38 PRO A 42 
# 
loop_
_pdbx_struct_sheet_hbond.sheet_id 
_pdbx_struct_sheet_hbond.range_id_1 
_pdbx_struct_sheet_hbond.range_id_2 
_pdbx_struct_sheet_hbond.range_1_label_atom_id 
_pdbx_struct_sheet_hbond.range_1_label_comp_id 
_pdbx_struct_sheet_hbond.range_1_label_asym_id 
_pdbx_struct_sheet_hbond.range_1_label_seq_id 
_pdbx_struct_sheet_hbond.range_1_PDB_ins_code 
_pdbx_struct_sheet_hbond.range_1_auth_atom_id 
_pdbx_struct_sheet_hbond.range_1_auth_comp_id 
_pdbx_struct_sheet_hbond.range_1_auth_asym_id 
_pdbx_struct_sheet_hbond.range_1_auth_seq_id 
_pdbx_struct_sheet_hbond.range_2_label_atom_id 
_pdbx_struct_sheet_hbond.range_2_label_comp_id 
_pdbx_struct_sheet_hbond.range_2_label_asym_id 
_pdbx_struct_sheet_hbond.range_2_label_seq_id 
_pdbx_struct_sheet_hbond.range_2_PDB_ins_code 
_pdbx_struct_sheet_hbond.range_2_auth_atom_id 
_pdbx_struct_sheet_hbond.range_2_auth_comp_id 
_pdbx_struct_sheet_hbond.range_2_auth_asym_id 
_pdbx_struct_sheet_hbond.range_2_auth_seq_id 
A 1 2 N ARG A 22 ? N ARG A 22 O LEU A 30 ? O LEU A 30 
A 2 3 N TYR A 31 ? N TYR A 31 O VAL A 39 ? O VAL A 39 
# 
_struct_site.id                   AC1 
_struct_site.pdbx_evidence_code   Software 
_struct_site.pdbx_auth_asym_id    A 
_struct_site.pdbx_auth_comp_id    CL 
_struct_site.pdbx_auth_seq_id     1001 
_struct_site.pdbx_auth_ins_code   ? 
_struct_site.pdbx_num_residues    3 
_struct_site.details              'BINDING SITE FOR RESIDUE CL A 1001' 
# 
loop_
_struct_site_gen.id 
_struct_site_gen.site_id 
_struct_site_gen.pdbx_num_res 
_struct_site_gen.label_comp_id 
_struct_site_gen.label_asym_id 
_struct_site_gen.label_seq_id 
_struct_site_gen.pdbx_auth_ins_code 
_struct_site_gen.auth_comp_id 
_struct_site_gen.auth_asym_id 
_struct_site_gen.auth_seq_id 
_struct_site_gen.label_atom_id 
_struct_site_gen.label_alt_id 
_struct_site_gen.symmetry 
_struct_site_gen.details 
1 AC1 3 ARG A 16 ? ARG A 16   . ? 1_555 ? 
2 AC1 3 ASN A 69 ? ASN A 69   . ? 1_555 ? 
3 AC1 3 HOH C .  ? HOH A 1115 . ? 1_555 ? 
# 
_pdbx_entry_details.entry_id                   1WHZ 
_pdbx_entry_details.compound_details           ? 
_pdbx_entry_details.source_details             ? 
_pdbx_entry_details.nonpolymer_details         ? 
_pdbx_entry_details.sequence_details           ? 
_pdbx_entry_details.has_ligand_of_interest     ? 
_pdbx_entry_details.has_protein_modification   Y 
# 
_pdbx_validate_close_contact.id               1 
_pdbx_validate_close_contact.PDB_model_num    1 
_pdbx_validate_close_contact.auth_atom_id_1   O 
_pdbx_validate_close_contact.auth_asym_id_1   A 
_pdbx_validate_close_contact.auth_comp_id_1   HOH 
_pdbx_validate_close_contact.auth_seq_id_1    1098 
_pdbx_validate_close_contact.PDB_ins_code_1   ? 
_pdbx_validate_close_contact.label_alt_id_1   ? 
_pdbx_validate_close_contact.auth_atom_id_2   O 
_pdbx_validate_close_contact.auth_asym_id_2   A 
_pdbx_validate_close_contact.auth_comp_id_2   HOH 
_pdbx_validate_close_contact.auth_seq_id_2    1119 
_pdbx_validate_close_contact.PDB_ins_code_2   ? 
_pdbx_validate_close_contact.label_alt_id_2   ? 
_pdbx_validate_close_contact.dist             2.14 
# 
_pdbx_validate_symm_contact.id                1 
_pdbx_validate_symm_contact.PDB_model_num     1 
_pdbx_validate_symm_contact.auth_atom_id_1    O 
_pdbx_validate_symm_contact.auth_asym_id_1    A 
_pdbx_validate_symm_contact.auth_comp_id_1    HOH 
_pdbx_validate_symm_contact.auth_seq_id_1     1024 
_pdbx_validate_symm_contact.PDB_ins_code_1    ? 
_pdbx_validate_symm_contact.label_alt_id_1    ? 
_pdbx_validate_symm_contact.site_symmetry_1   1_555 
_pdbx_validate_symm_contact.auth_atom_id_2    O 
_pdbx_validate_symm_contact.auth_asym_id_2    A 
_pdbx_validate_symm_contact.auth_comp_id_2    HOH 
_pdbx_validate_symm_contact.auth_seq_id_2     1117 
_pdbx_validate_symm_contact.PDB_ins_code_2    ? 
_pdbx_validate_symm_contact.label_alt_id_2    ? 
_pdbx_validate_symm_contact.site_symmetry_2   2_646 
_pdbx_validate_symm_contact.dist              2.19 
# 
_pdbx_validate_rmsd_bond.id                        1 
_pdbx_validate_rmsd_bond.PDB_model_num             1 
_pdbx_validate_rmsd_bond.auth_atom_id_1            CZ 
_pdbx_validate_rmsd_bond.auth_asym_id_1            A 
_pdbx_validate_rmsd_bond.auth_comp_id_1            ARG 
_pdbx_validate_rmsd_bond.auth_seq_id_1             58 
_pdbx_validate_rmsd_bond.PDB_ins_code_1            ? 
_pdbx_validate_rmsd_bond.label_alt_id_1            ? 
_pdbx_validate_rmsd_bond.auth_atom_id_2            NH2 
_pdbx_validate_rmsd_bond.auth_asym_id_2            A 
_pdbx_validate_rmsd_bond.auth_comp_id_2            ARG 
_pdbx_validate_rmsd_bond.auth_seq_id_2             58 
_pdbx_validate_rmsd_bond.PDB_ins_code_2            ? 
_pdbx_validate_rmsd_bond.label_alt_id_2            ? 
_pdbx_validate_rmsd_bond.bond_value                1.413 
_pdbx_validate_rmsd_bond.bond_target_value         1.326 
_pdbx_validate_rmsd_bond.bond_deviation            0.087 
_pdbx_validate_rmsd_bond.bond_standard_deviation   0.013 
_pdbx_validate_rmsd_bond.linker_flag               N 
# 
loop_
_pdbx_validate_rmsd_angle.id 
_pdbx_validate_rmsd_angle.PDB_model_num 
_pdbx_validate_rmsd_angle.auth_atom_id_1 
_pdbx_validate_rmsd_angle.auth_asym_id_1 
_pdbx_validate_rmsd_angle.auth_comp_id_1 
_pdbx_validate_rmsd_angle.auth_seq_id_1 
_pdbx_validate_rmsd_angle.PDB_ins_code_1 
_pdbx_validate_rmsd_angle.label_alt_id_1 
_pdbx_validate_rmsd_angle.auth_atom_id_2 
_pdbx_validate_rmsd_angle.auth_asym_id_2 
_pdbx_validate_rmsd_angle.auth_comp_id_2 
_pdbx_validate_rmsd_angle.auth_seq_id_2 
_pdbx_validate_rmsd_angle.PDB_ins_code_2 
_pdbx_validate_rmsd_angle.label_alt_id_2 
_pdbx_validate_rmsd_angle.auth_atom_id_3 
_pdbx_validate_rmsd_angle.auth_asym_id_3 
_pdbx_validate_rmsd_angle.auth_comp_id_3 
_pdbx_validate_rmsd_angle.auth_seq_id_3 
_pdbx_validate_rmsd_angle.PDB_ins_code_3 
_pdbx_validate_rmsd_angle.label_alt_id_3 
_pdbx_validate_rmsd_angle.angle_value 
_pdbx_validate_rmsd_angle.angle_target_value 
_pdbx_validate_rmsd_angle.angle_deviation 
_pdbx_validate_rmsd_angle.angle_standard_deviation 
_pdbx_validate_rmsd_angle.linker_flag 
1 1 CG A ARG 6  ? ? CD A ARG 6  ? ? NE  A ARG 6  ? ? 124.43 111.80 12.63 2.10 N 
2 1 NE A ARG 6  ? ? CZ A ARG 6  ? ? NH1 A ARG 6  ? ? 123.66 120.30 3.36  0.50 N 
3 1 NE A ARG 6  ? ? CZ A ARG 6  ? ? NH2 A ARG 6  ? ? 114.82 120.30 -5.48 0.50 N 
4 1 NE A ARG 29 ? ? CZ A ARG 29 ? ? NH1 A ARG 29 ? ? 125.88 120.30 5.58  0.50 N 
5 1 NE A ARG 29 ? ? CZ A ARG 29 ? ? NH2 A ARG 29 ? ? 115.71 120.30 -4.59 0.50 N 
6 1 CB A ASP 35 ? ? CG A ASP 35 ? ? OD1 A ASP 35 ? ? 124.62 118.30 6.32  0.90 N 
7 1 NE A ARG 37 ? ? CZ A ARG 37 ? ? NH1 A ARG 37 ? ? 125.42 120.30 5.12  0.50 N 
8 1 NE A ARG 58 ? ? CZ A ARG 58 ? ? NH2 A ARG 58 ? ? 124.16 120.30 3.86  0.50 N 
# 
_pdbx_SG_project.id                    1 
_pdbx_SG_project.project_name          ? 
_pdbx_SG_project.full_name_of_center   'RIKEN Structural Genomics/Proteomics Initiative' 
_pdbx_SG_project.initial_of_center     RSGI 
# 
loop_
_pdbx_struct_mod_residue.id 
_pdbx_struct_mod_residue.label_asym_id 
_pdbx_struct_mod_residue.label_comp_id 
_pdbx_struct_mod_residue.label_seq_id 
_pdbx_struct_mod_residue.auth_asym_id 
_pdbx_struct_mod_residue.auth_comp_id 
_pdbx_struct_mod_residue.auth_seq_id 
_pdbx_struct_mod_residue.PDB_ins_code 
_pdbx_struct_mod_residue.parent_comp_id 
_pdbx_struct_mod_residue.details 
1 A MSE 1  A MSE 1  ? MET SELENOMETHIONINE 
2 A MSE 3  A MSE 3  ? MET SELENOMETHIONINE 
3 A MSE 23 A MSE 23 ? MET SELENOMETHIONINE 
# 
loop_
_chem_comp_atom.comp_id 
_chem_comp_atom.atom_id 
_chem_comp_atom.type_symbol 
_chem_comp_atom.pdbx_aromatic_flag 
_chem_comp_atom.pdbx_stereo_config 
_chem_comp_atom.pdbx_ordinal 
ALA N    N  N N 1   
ALA CA   C  N S 2   
ALA C    C  N N 3   
ALA O    O  N N 4   
ALA CB   C  N N 5   
ALA OXT  O  N N 6   
ALA H    H  N N 7   
ALA H2   H  N N 8   
ALA HA   H  N N 9   
ALA HB1  H  N N 10  
ALA HB2  H  N N 11  
ALA HB3  H  N N 12  
ALA HXT  H  N N 13  
ARG N    N  N N 14  
ARG CA   C  N S 15  
ARG C    C  N N 16  
ARG O    O  N N 17  
ARG CB   C  N N 18  
ARG CG   C  N N 19  
ARG CD   C  N N 20  
ARG NE   N  N N 21  
ARG CZ   C  N N 22  
ARG NH1  N  N N 23  
ARG NH2  N  N N 24  
ARG OXT  O  N N 25  
ARG H    H  N N 26  
ARG H2   H  N N 27  
ARG HA   H  N N 28  
ARG HB2  H  N N 29  
ARG HB3  H  N N 30  
ARG HG2  H  N N 31  
ARG HG3  H  N N 32  
ARG HD2  H  N N 33  
ARG HD3  H  N N 34  
ARG HE   H  N N 35  
ARG HH11 H  N N 36  
ARG HH12 H  N N 37  
ARG HH21 H  N N 38  
ARG HH22 H  N N 39  
ARG HXT  H  N N 40  
ASN N    N  N N 41  
ASN CA   C  N S 42  
ASN C    C  N N 43  
ASN O    O  N N 44  
ASN CB   C  N N 45  
ASN CG   C  N N 46  
ASN OD1  O  N N 47  
ASN ND2  N  N N 48  
ASN OXT  O  N N 49  
ASN H    H  N N 50  
ASN H2   H  N N 51  
ASN HA   H  N N 52  
ASN HB2  H  N N 53  
ASN HB3  H  N N 54  
ASN HD21 H  N N 55  
ASN HD22 H  N N 56  
ASN HXT  H  N N 57  
ASP N    N  N N 58  
ASP CA   C  N S 59  
ASP C    C  N N 60  
ASP O    O  N N 61  
ASP CB   C  N N 62  
ASP CG   C  N N 63  
ASP OD1  O  N N 64  
ASP OD2  O  N N 65  
ASP OXT  O  N N 66  
ASP H    H  N N 67  
ASP H2   H  N N 68  
ASP HA   H  N N 69  
ASP HB2  H  N N 70  
ASP HB3  H  N N 71  
ASP HD2  H  N N 72  
ASP HXT  H  N N 73  
CL  CL   CL N N 74  
GLU N    N  N N 75  
GLU CA   C  N S 76  
GLU C    C  N N 77  
GLU O    O  N N 78  
GLU CB   C  N N 79  
GLU CG   C  N N 80  
GLU CD   C  N N 81  
GLU OE1  O  N N 82  
GLU OE2  O  N N 83  
GLU OXT  O  N N 84  
GLU H    H  N N 85  
GLU H2   H  N N 86  
GLU HA   H  N N 87  
GLU HB2  H  N N 88  
GLU HB3  H  N N 89  
GLU HG2  H  N N 90  
GLU HG3  H  N N 91  
GLU HE2  H  N N 92  
GLU HXT  H  N N 93  
GLY N    N  N N 94  
GLY CA   C  N N 95  
GLY C    C  N N 96  
GLY O    O  N N 97  
GLY OXT  O  N N 98  
GLY H    H  N N 99  
GLY H2   H  N N 100 
GLY HA2  H  N N 101 
GLY HA3  H  N N 102 
GLY HXT  H  N N 103 
HIS N    N  N N 104 
HIS CA   C  N S 105 
HIS C    C  N N 106 
HIS O    O  N N 107 
HIS CB   C  N N 108 
HIS CG   C  Y N 109 
HIS ND1  N  Y N 110 
HIS CD2  C  Y N 111 
HIS CE1  C  Y N 112 
HIS NE2  N  Y N 113 
HIS OXT  O  N N 114 
HIS H    H  N N 115 
HIS H2   H  N N 116 
HIS HA   H  N N 117 
HIS HB2  H  N N 118 
HIS HB3  H  N N 119 
HIS HD1  H  N N 120 
HIS HD2  H  N N 121 
HIS HE1  H  N N 122 
HIS HE2  H  N N 123 
HIS HXT  H  N N 124 
HOH O    O  N N 125 
HOH H1   H  N N 126 
HOH H2   H  N N 127 
ILE N    N  N N 128 
ILE CA   C  N S 129 
ILE C    C  N N 130 
ILE O    O  N N 131 
ILE CB   C  N S 132 
ILE CG1  C  N N 133 
ILE CG2  C  N N 134 
ILE CD1  C  N N 135 
ILE OXT  O  N N 136 
ILE H    H  N N 137 
ILE H2   H  N N 138 
ILE HA   H  N N 139 
ILE HB   H  N N 140 
ILE HG12 H  N N 141 
ILE HG13 H  N N 142 
ILE HG21 H  N N 143 
ILE HG22 H  N N 144 
ILE HG23 H  N N 145 
ILE HD11 H  N N 146 
ILE HD12 H  N N 147 
ILE HD13 H  N N 148 
ILE HXT  H  N N 149 
LEU N    N  N N 150 
LEU CA   C  N S 151 
LEU C    C  N N 152 
LEU O    O  N N 153 
LEU CB   C  N N 154 
LEU CG   C  N N 155 
LEU CD1  C  N N 156 
LEU CD2  C  N N 157 
LEU OXT  O  N N 158 
LEU H    H  N N 159 
LEU H2   H  N N 160 
LEU HA   H  N N 161 
LEU HB2  H  N N 162 
LEU HB3  H  N N 163 
LEU HG   H  N N 164 
LEU HD11 H  N N 165 
LEU HD12 H  N N 166 
LEU HD13 H  N N 167 
LEU HD21 H  N N 168 
LEU HD22 H  N N 169 
LEU HD23 H  N N 170 
LEU HXT  H  N N 171 
LYS N    N  N N 172 
LYS CA   C  N S 173 
LYS C    C  N N 174 
LYS O    O  N N 175 
LYS CB   C  N N 176 
LYS CG   C  N N 177 
LYS CD   C  N N 178 
LYS CE   C  N N 179 
LYS NZ   N  N N 180 
LYS OXT  O  N N 181 
LYS H    H  N N 182 
LYS H2   H  N N 183 
LYS HA   H  N N 184 
LYS HB2  H  N N 185 
LYS HB3  H  N N 186 
LYS HG2  H  N N 187 
LYS HG3  H  N N 188 
LYS HD2  H  N N 189 
LYS HD3  H  N N 190 
LYS HE2  H  N N 191 
LYS HE3  H  N N 192 
LYS HZ1  H  N N 193 
LYS HZ2  H  N N 194 
LYS HZ3  H  N N 195 
LYS HXT  H  N N 196 
MSE N    N  N N 197 
MSE CA   C  N S 198 
MSE C    C  N N 199 
MSE O    O  N N 200 
MSE OXT  O  N N 201 
MSE CB   C  N N 202 
MSE CG   C  N N 203 
MSE SE   SE N N 204 
MSE CE   C  N N 205 
MSE H    H  N N 206 
MSE H2   H  N N 207 
MSE HA   H  N N 208 
MSE HXT  H  N N 209 
MSE HB2  H  N N 210 
MSE HB3  H  N N 211 
MSE HG2  H  N N 212 
MSE HG3  H  N N 213 
MSE HE1  H  N N 214 
MSE HE2  H  N N 215 
MSE HE3  H  N N 216 
PHE N    N  N N 217 
PHE CA   C  N S 218 
PHE C    C  N N 219 
PHE O    O  N N 220 
PHE CB   C  N N 221 
PHE CG   C  Y N 222 
PHE CD1  C  Y N 223 
PHE CD2  C  Y N 224 
PHE CE1  C  Y N 225 
PHE CE2  C  Y N 226 
PHE CZ   C  Y N 227 
PHE OXT  O  N N 228 
PHE H    H  N N 229 
PHE H2   H  N N 230 
PHE HA   H  N N 231 
PHE HB2  H  N N 232 
PHE HB3  H  N N 233 
PHE HD1  H  N N 234 
PHE HD2  H  N N 235 
PHE HE1  H  N N 236 
PHE HE2  H  N N 237 
PHE HZ   H  N N 238 
PHE HXT  H  N N 239 
PRO N    N  N N 240 
PRO CA   C  N S 241 
PRO C    C  N N 242 
PRO O    O  N N 243 
PRO CB   C  N N 244 
PRO CG   C  N N 245 
PRO CD   C  N N 246 
PRO OXT  O  N N 247 
PRO H    H  N N 248 
PRO HA   H  N N 249 
PRO HB2  H  N N 250 
PRO HB3  H  N N 251 
PRO HG2  H  N N 252 
PRO HG3  H  N N 253 
PRO HD2  H  N N 254 
PRO HD3  H  N N 255 
PRO HXT  H  N N 256 
SER N    N  N N 257 
SER CA   C  N S 258 
SER C    C  N N 259 
SER O    O  N N 260 
SER CB   C  N N 261 
SER OG   O  N N 262 
SER OXT  O  N N 263 
SER H    H  N N 264 
SER H2   H  N N 265 
SER HA   H  N N 266 
SER HB2  H  N N 267 
SER HB3  H  N N 268 
SER HG   H  N N 269 
SER HXT  H  N N 270 
THR N    N  N N 271 
THR CA   C  N S 272 
THR C    C  N N 273 
THR O    O  N N 274 
THR CB   C  N R 275 
THR OG1  O  N N 276 
THR CG2  C  N N 277 
THR OXT  O  N N 278 
THR H    H  N N 279 
THR H2   H  N N 280 
THR HA   H  N N 281 
THR HB   H  N N 282 
THR HG1  H  N N 283 
THR HG21 H  N N 284 
THR HG22 H  N N 285 
THR HG23 H  N N 286 
THR HXT  H  N N 287 
TRP N    N  N N 288 
TRP CA   C  N S 289 
TRP C    C  N N 290 
TRP O    O  N N 291 
TRP CB   C  N N 292 
TRP CG   C  Y N 293 
TRP CD1  C  Y N 294 
TRP CD2  C  Y N 295 
TRP NE1  N  Y N 296 
TRP CE2  C  Y N 297 
TRP CE3  C  Y N 298 
TRP CZ2  C  Y N 299 
TRP CZ3  C  Y N 300 
TRP CH2  C  Y N 301 
TRP OXT  O  N N 302 
TRP H    H  N N 303 
TRP H2   H  N N 304 
TRP HA   H  N N 305 
TRP HB2  H  N N 306 
TRP HB3  H  N N 307 
TRP HD1  H  N N 308 
TRP HE1  H  N N 309 
TRP HE3  H  N N 310 
TRP HZ2  H  N N 311 
TRP HZ3  H  N N 312 
TRP HH2  H  N N 313 
TRP HXT  H  N N 314 
TYR N    N  N N 315 
TYR CA   C  N S 316 
TYR C    C  N N 317 
TYR O    O  N N 318 
TYR CB   C  N N 319 
TYR CG   C  Y N 320 
TYR CD1  C  Y N 321 
TYR CD2  C  Y N 322 
TYR CE1  C  Y N 323 
TYR CE2  C  Y N 324 
TYR CZ   C  Y N 325 
TYR OH   O  N N 326 
TYR OXT  O  N N 327 
TYR H    H  N N 328 
TYR H2   H  N N 329 
TYR HA   H  N N 330 
TYR HB2  H  N N 331 
TYR HB3  H  N N 332 
TYR HD1  H  N N 333 
TYR HD2  H  N N 334 
TYR HE1  H  N N 335 
TYR HE2  H  N N 336 
TYR HH   H  N N 337 
TYR HXT  H  N N 338 
VAL N    N  N N 339 
VAL CA   C  N S 340 
VAL C    C  N N 341 
VAL O    O  N N 342 
VAL CB   C  N N 343 
VAL CG1  C  N N 344 
VAL CG2  C  N N 345 
VAL OXT  O  N N 346 
VAL H    H  N N 347 
VAL H2   H  N N 348 
VAL HA   H  N N 349 
VAL HB   H  N N 350 
VAL HG11 H  N N 351 
VAL HG12 H  N N 352 
VAL HG13 H  N N 353 
VAL HG21 H  N N 354 
VAL HG22 H  N N 355 
VAL HG23 H  N N 356 
VAL HXT  H  N N 357 
# 
loop_
_chem_comp_bond.comp_id 
_chem_comp_bond.atom_id_1 
_chem_comp_bond.atom_id_2 
_chem_comp_bond.value_order 
_chem_comp_bond.pdbx_aromatic_flag 
_chem_comp_bond.pdbx_stereo_config 
_chem_comp_bond.pdbx_ordinal 
ALA N   CA   sing N N 1   
ALA N   H    sing N N 2   
ALA N   H2   sing N N 3   
ALA CA  C    sing N N 4   
ALA CA  CB   sing N N 5   
ALA CA  HA   sing N N 6   
ALA C   O    doub N N 7   
ALA C   OXT  sing N N 8   
ALA CB  HB1  sing N N 9   
ALA CB  HB2  sing N N 10  
ALA CB  HB3  sing N N 11  
ALA OXT HXT  sing N N 12  
ARG N   CA   sing N N 13  
ARG N   H    sing N N 14  
ARG N   H2   sing N N 15  
ARG CA  C    sing N N 16  
ARG CA  CB   sing N N 17  
ARG CA  HA   sing N N 18  
ARG C   O    doub N N 19  
ARG C   OXT  sing N N 20  
ARG CB  CG   sing N N 21  
ARG CB  HB2  sing N N 22  
ARG CB  HB3  sing N N 23  
ARG CG  CD   sing N N 24  
ARG CG  HG2  sing N N 25  
ARG CG  HG3  sing N N 26  
ARG CD  NE   sing N N 27  
ARG CD  HD2  sing N N 28  
ARG CD  HD3  sing N N 29  
ARG NE  CZ   sing N N 30  
ARG NE  HE   sing N N 31  
ARG CZ  NH1  sing N N 32  
ARG CZ  NH2  doub N N 33  
ARG NH1 HH11 sing N N 34  
ARG NH1 HH12 sing N N 35  
ARG NH2 HH21 sing N N 36  
ARG NH2 HH22 sing N N 37  
ARG OXT HXT  sing N N 38  
ASN N   CA   sing N N 39  
ASN N   H    sing N N 40  
ASN N   H2   sing N N 41  
ASN CA  C    sing N N 42  
ASN CA  CB   sing N N 43  
ASN CA  HA   sing N N 44  
ASN C   O    doub N N 45  
ASN C   OXT  sing N N 46  
ASN CB  CG   sing N N 47  
ASN CB  HB2  sing N N 48  
ASN CB  HB3  sing N N 49  
ASN CG  OD1  doub N N 50  
ASN CG  ND2  sing N N 51  
ASN ND2 HD21 sing N N 52  
ASN ND2 HD22 sing N N 53  
ASN OXT HXT  sing N N 54  
ASP N   CA   sing N N 55  
ASP N   H    sing N N 56  
ASP N   H2   sing N N 57  
ASP CA  C    sing N N 58  
ASP CA  CB   sing N N 59  
ASP CA  HA   sing N N 60  
ASP C   O    doub N N 61  
ASP C   OXT  sing N N 62  
ASP CB  CG   sing N N 63  
ASP CB  HB2  sing N N 64  
ASP CB  HB3  sing N N 65  
ASP CG  OD1  doub N N 66  
ASP CG  OD2  sing N N 67  
ASP OD2 HD2  sing N N 68  
ASP OXT HXT  sing N N 69  
GLU N   CA   sing N N 70  
GLU N   H    sing N N 71  
GLU N   H2   sing N N 72  
GLU CA  C    sing N N 73  
GLU CA  CB   sing N N 74  
GLU CA  HA   sing N N 75  
GLU C   O    doub N N 76  
GLU C   OXT  sing N N 77  
GLU CB  CG   sing N N 78  
GLU CB  HB2  sing N N 79  
GLU CB  HB3  sing N N 80  
GLU CG  CD   sing N N 81  
GLU CG  HG2  sing N N 82  
GLU CG  HG3  sing N N 83  
GLU CD  OE1  doub N N 84  
GLU CD  OE2  sing N N 85  
GLU OE2 HE2  sing N N 86  
GLU OXT HXT  sing N N 87  
GLY N   CA   sing N N 88  
GLY N   H    sing N N 89  
GLY N   H2   sing N N 90  
GLY CA  C    sing N N 91  
GLY CA  HA2  sing N N 92  
GLY CA  HA3  sing N N 93  
GLY C   O    doub N N 94  
GLY C   OXT  sing N N 95  
GLY OXT HXT  sing N N 96  
HIS N   CA   sing N N 97  
HIS N   H    sing N N 98  
HIS N   H2   sing N N 99  
HIS CA  C    sing N N 100 
HIS CA  CB   sing N N 101 
HIS CA  HA   sing N N 102 
HIS C   O    doub N N 103 
HIS C   OXT  sing N N 104 
HIS CB  CG   sing N N 105 
HIS CB  HB2  sing N N 106 
HIS CB  HB3  sing N N 107 
HIS CG  ND1  sing Y N 108 
HIS CG  CD2  doub Y N 109 
HIS ND1 CE1  doub Y N 110 
HIS ND1 HD1  sing N N 111 
HIS CD2 NE2  sing Y N 112 
HIS CD2 HD2  sing N N 113 
HIS CE1 NE2  sing Y N 114 
HIS CE1 HE1  sing N N 115 
HIS NE2 HE2  sing N N 116 
HIS OXT HXT  sing N N 117 
HOH O   H1   sing N N 118 
HOH O   H2   sing N N 119 
ILE N   CA   sing N N 120 
ILE N   H    sing N N 121 
ILE N   H2   sing N N 122 
ILE CA  C    sing N N 123 
ILE CA  CB   sing N N 124 
ILE CA  HA   sing N N 125 
ILE C   O    doub N N 126 
ILE C   OXT  sing N N 127 
ILE CB  CG1  sing N N 128 
ILE CB  CG2  sing N N 129 
ILE CB  HB   sing N N 130 
ILE CG1 CD1  sing N N 131 
ILE CG1 HG12 sing N N 132 
ILE CG1 HG13 sing N N 133 
ILE CG2 HG21 sing N N 134 
ILE CG2 HG22 sing N N 135 
ILE CG2 HG23 sing N N 136 
ILE CD1 HD11 sing N N 137 
ILE CD1 HD12 sing N N 138 
ILE CD1 HD13 sing N N 139 
ILE OXT HXT  sing N N 140 
LEU N   CA   sing N N 141 
LEU N   H    sing N N 142 
LEU N   H2   sing N N 143 
LEU CA  C    sing N N 144 
LEU CA  CB   sing N N 145 
LEU CA  HA   sing N N 146 
LEU C   O    doub N N 147 
LEU C   OXT  sing N N 148 
LEU CB  CG   sing N N 149 
LEU CB  HB2  sing N N 150 
LEU CB  HB3  sing N N 151 
LEU CG  CD1  sing N N 152 
LEU CG  CD2  sing N N 153 
LEU CG  HG   sing N N 154 
LEU CD1 HD11 sing N N 155 
LEU CD1 HD12 sing N N 156 
LEU CD1 HD13 sing N N 157 
LEU CD2 HD21 sing N N 158 
LEU CD2 HD22 sing N N 159 
LEU CD2 HD23 sing N N 160 
LEU OXT HXT  sing N N 161 
LYS N   CA   sing N N 162 
LYS N   H    sing N N 163 
LYS N   H2   sing N N 164 
LYS CA  C    sing N N 165 
LYS CA  CB   sing N N 166 
LYS CA  HA   sing N N 167 
LYS C   O    doub N N 168 
LYS C   OXT  sing N N 169 
LYS CB  CG   sing N N 170 
LYS CB  HB2  sing N N 171 
LYS CB  HB3  sing N N 172 
LYS CG  CD   sing N N 173 
LYS CG  HG2  sing N N 174 
LYS CG  HG3  sing N N 175 
LYS CD  CE   sing N N 176 
LYS CD  HD2  sing N N 177 
LYS CD  HD3  sing N N 178 
LYS CE  NZ   sing N N 179 
LYS CE  HE2  sing N N 180 
LYS CE  HE3  sing N N 181 
LYS NZ  HZ1  sing N N 182 
LYS NZ  HZ2  sing N N 183 
LYS NZ  HZ3  sing N N 184 
LYS OXT HXT  sing N N 185 
MSE N   CA   sing N N 186 
MSE N   H    sing N N 187 
MSE N   H2   sing N N 188 
MSE CA  C    sing N N 189 
MSE CA  CB   sing N N 190 
MSE CA  HA   sing N N 191 
MSE C   O    doub N N 192 
MSE C   OXT  sing N N 193 
MSE OXT HXT  sing N N 194 
MSE CB  CG   sing N N 195 
MSE CB  HB2  sing N N 196 
MSE CB  HB3  sing N N 197 
MSE CG  SE   sing N N 198 
MSE CG  HG2  sing N N 199 
MSE CG  HG3  sing N N 200 
MSE SE  CE   sing N N 201 
MSE CE  HE1  sing N N 202 
MSE CE  HE2  sing N N 203 
MSE CE  HE3  sing N N 204 
PHE N   CA   sing N N 205 
PHE N   H    sing N N 206 
PHE N   H2   sing N N 207 
PHE CA  C    sing N N 208 
PHE CA  CB   sing N N 209 
PHE CA  HA   sing N N 210 
PHE C   O    doub N N 211 
PHE C   OXT  sing N N 212 
PHE CB  CG   sing N N 213 
PHE CB  HB2  sing N N 214 
PHE CB  HB3  sing N N 215 
PHE CG  CD1  doub Y N 216 
PHE CG  CD2  sing Y N 217 
PHE CD1 CE1  sing Y N 218 
PHE CD1 HD1  sing N N 219 
PHE CD2 CE2  doub Y N 220 
PHE CD2 HD2  sing N N 221 
PHE CE1 CZ   doub Y N 222 
PHE CE1 HE1  sing N N 223 
PHE CE2 CZ   sing Y N 224 
PHE CE2 HE2  sing N N 225 
PHE CZ  HZ   sing N N 226 
PHE OXT HXT  sing N N 227 
PRO N   CA   sing N N 228 
PRO N   CD   sing N N 229 
PRO N   H    sing N N 230 
PRO CA  C    sing N N 231 
PRO CA  CB   sing N N 232 
PRO CA  HA   sing N N 233 
PRO C   O    doub N N 234 
PRO C   OXT  sing N N 235 
PRO CB  CG   sing N N 236 
PRO CB  HB2  sing N N 237 
PRO CB  HB3  sing N N 238 
PRO CG  CD   sing N N 239 
PRO CG  HG2  sing N N 240 
PRO CG  HG3  sing N N 241 
PRO CD  HD2  sing N N 242 
PRO CD  HD3  sing N N 243 
PRO OXT HXT  sing N N 244 
SER N   CA   sing N N 245 
SER N   H    sing N N 246 
SER N   H2   sing N N 247 
SER CA  C    sing N N 248 
SER CA  CB   sing N N 249 
SER CA  HA   sing N N 250 
SER C   O    doub N N 251 
SER C   OXT  sing N N 252 
SER CB  OG   sing N N 253 
SER CB  HB2  sing N N 254 
SER CB  HB3  sing N N 255 
SER OG  HG   sing N N 256 
SER OXT HXT  sing N N 257 
THR N   CA   sing N N 258 
THR N   H    sing N N 259 
THR N   H2   sing N N 260 
THR CA  C    sing N N 261 
THR CA  CB   sing N N 262 
THR CA  HA   sing N N 263 
THR C   O    doub N N 264 
THR C   OXT  sing N N 265 
THR CB  OG1  sing N N 266 
THR CB  CG2  sing N N 267 
THR CB  HB   sing N N 268 
THR OG1 HG1  sing N N 269 
THR CG2 HG21 sing N N 270 
THR CG2 HG22 sing N N 271 
THR CG2 HG23 sing N N 272 
THR OXT HXT  sing N N 273 
TRP N   CA   sing N N 274 
TRP N   H    sing N N 275 
TRP N   H2   sing N N 276 
TRP CA  C    sing N N 277 
TRP CA  CB   sing N N 278 
TRP CA  HA   sing N N 279 
TRP C   O    doub N N 280 
TRP C   OXT  sing N N 281 
TRP CB  CG   sing N N 282 
TRP CB  HB2  sing N N 283 
TRP CB  HB3  sing N N 284 
TRP CG  CD1  doub Y N 285 
TRP CG  CD2  sing Y N 286 
TRP CD1 NE1  sing Y N 287 
TRP CD1 HD1  sing N N 288 
TRP CD2 CE2  doub Y N 289 
TRP CD2 CE3  sing Y N 290 
TRP NE1 CE2  sing Y N 291 
TRP NE1 HE1  sing N N 292 
TRP CE2 CZ2  sing Y N 293 
TRP CE3 CZ3  doub Y N 294 
TRP CE3 HE3  sing N N 295 
TRP CZ2 CH2  doub Y N 296 
TRP CZ2 HZ2  sing N N 297 
TRP CZ3 CH2  sing Y N 298 
TRP CZ3 HZ3  sing N N 299 
TRP CH2 HH2  sing N N 300 
TRP OXT HXT  sing N N 301 
TYR N   CA   sing N N 302 
TYR N   H    sing N N 303 
TYR N   H2   sing N N 304 
TYR CA  C    sing N N 305 
TYR CA  CB   sing N N 306 
TYR CA  HA   sing N N 307 
TYR C   O    doub N N 308 
TYR C   OXT  sing N N 309 
TYR CB  CG   sing N N 310 
TYR CB  HB2  sing N N 311 
TYR CB  HB3  sing N N 312 
TYR CG  CD1  doub Y N 313 
TYR CG  CD2  sing Y N 314 
TYR CD1 CE1  sing Y N 315 
TYR CD1 HD1  sing N N 316 
TYR CD2 CE2  doub Y N 317 
TYR CD2 HD2  sing N N 318 
TYR CE1 CZ   doub Y N 319 
TYR CE1 HE1  sing N N 320 
TYR CE2 CZ   sing Y N 321 
TYR CE2 HE2  sing N N 322 
TYR CZ  OH   sing N N 323 
TYR OH  HH   sing N N 324 
TYR OXT HXT  sing N N 325 
VAL N   CA   sing N N 326 
VAL N   H    sing N N 327 
VAL N   H2   sing N N 328 
VAL CA  C    sing N N 329 
VAL CA  CB   sing N N 330 
VAL CA  HA   sing N N 331 
VAL C   O    doub N N 332 
VAL C   OXT  sing N N 333 
VAL CB  CG1  sing N N 334 
VAL CB  CG2  sing N N 335 
VAL CB  HB   sing N N 336 
VAL CG1 HG11 sing N N 337 
VAL CG1 HG12 sing N N 338 
VAL CG1 HG13 sing N N 339 
VAL CG2 HG21 sing N N 340 
VAL CG2 HG22 sing N N 341 
VAL CG2 HG23 sing N N 342 
VAL OXT HXT  sing N N 343 
# 
_atom_sites.entry_id                    1WHZ 
_atom_sites.fract_transf_matrix[1][1]   -0.02765303 
_atom_sites.fract_transf_matrix[1][2]   -0.00588636 
_atom_sites.fract_transf_matrix[1][3]   0.02384049 
_atom_sites.fract_transf_matrix[2][1]   0.00799343 
_atom_sites.fract_transf_matrix[2][2]   0.03060450 
_atom_sites.fract_transf_matrix[2][3]   0.01682817 
_atom_sites.fract_transf_matrix[3][1]   -0.01701673 
_atom_sites.fract_transf_matrix[3][2]   0.01335924 
_atom_sites.fract_transf_matrix[3][3]   -0.01621274 
_atom_sites.fract_transf_vector[1]      0.501472 
_atom_sites.fract_transf_vector[2]      0.096617 
_atom_sites.fract_transf_vector[3]      0.749618 
# 
loop_
_atom_type.symbol 
C  
CL 
N  
O  
SE 
# 
loop_
_atom_site.group_PDB 
_atom_site.id 
_atom_site.type_symbol 
_atom_site.label_atom_id 
_atom_site.label_alt_id 
_atom_site.label_comp_id 
_atom_site.label_asym_id 
_atom_site.label_entity_id 
_atom_site.label_seq_id 
_atom_site.pdbx_PDB_ins_code 
_atom_site.Cartn_x 
_atom_site.Cartn_y 
_atom_site.Cartn_z 
_atom_site.occupancy 
_atom_site.B_iso_or_equiv 
_atom_site.pdbx_formal_charge 
_atom_site.auth_seq_id 
_atom_site.auth_comp_id 
_atom_site.auth_asym_id 
_atom_site.auth_atom_id 
_atom_site.pdbx_PDB_model_num 
HETATM 1   N  N   . MSE A 1 1  ? -12.395 -10.927 12.404  1.00 40.81 ? 1    MSE A N   1 
HETATM 2   C  CA  . MSE A 1 1  ? -12.147 -11.483 11.025  1.00 39.43 ? 1    MSE A CA  1 
HETATM 3   C  C   . MSE A 1 1  ? -11.187 -10.666 10.063  1.00 37.02 ? 1    MSE A C   1 
HETATM 4   O  O   . MSE A 1 1  ? -11.239 -9.411  10.059  1.00 36.78 ? 1    MSE A O   1 
HETATM 5   C  CB  . MSE A 1 1  ? -13.559 -11.707 10.432  1.00 44.14 ? 1    MSE A CB  1 
HETATM 6   C  CG  . MSE A 1 1  ? -13.773 -11.500 8.978   1.00 49.31 ? 1    MSE A CG  1 
HETATM 7   SE SE  . MSE A 1 1  ? -13.727 -13.218 8.033   1.00 57.03 ? 1    MSE A SE  1 
HETATM 8   C  CE  . MSE A 1 1  ? -13.973 -12.458 6.128   1.00 56.25 ? 1    MSE A CE  1 
ATOM   9   N  N   . TRP A 1 2  ? -10.304 -11.372 9.305   1.00 31.24 ? 2    TRP A N   1 
ATOM   10  C  CA  . TRP A 1 2  ? -9.375  -10.826 8.302   1.00 26.10 ? 2    TRP A CA  1 
ATOM   11  C  C   . TRP A 1 2  ? -10.204 -10.330 7.138   1.00 21.81 ? 2    TRP A C   1 
ATOM   12  O  O   . TRP A 1 2  ? -10.920 -11.060 6.463   1.00 23.10 ? 2    TRP A O   1 
ATOM   13  C  CB  . TRP A 1 2  ? -8.409  -11.933 7.822   1.00 25.05 ? 2    TRP A CB  1 
ATOM   14  C  CG  . TRP A 1 2  ? -7.730  -11.740 6.466   1.00 24.23 ? 2    TRP A CG  1 
ATOM   15  C  CD1 . TRP A 1 2  ? -7.858  -12.536 5.367   1.00 23.59 ? 2    TRP A CD1 1 
ATOM   16  C  CD2 . TRP A 1 2  ? -6.908  -10.640 6.073   1.00 20.07 ? 2    TRP A CD2 1 
ATOM   17  N  NE1 . TRP A 1 2  ? -7.183  -11.953 4.283   1.00 22.95 ? 2    TRP A NE1 1 
ATOM   18  C  CE2 . TRP A 1 2  ? -6.602  -10.811 4.726   1.00 19.66 ? 2    TRP A CE2 1 
ATOM   19  C  CE3 . TRP A 1 2  ? -6.412  -9.513  6.756   1.00 20.02 ? 2    TRP A CE3 1 
ATOM   20  C  CZ2 . TRP A 1 2  ? -5.826  -9.894  4.025   1.00 18.83 ? 2    TRP A CZ2 1 
ATOM   21  C  CZ3 . TRP A 1 2  ? -5.657  -8.644  6.073   1.00 20.73 ? 2    TRP A CZ3 1 
ATOM   22  C  CH2 . TRP A 1 2  ? -5.378  -8.843  4.731   1.00 17.70 ? 2    TRP A CH2 1 
HETATM 23  N  N   . MSE A 1 3  ? -10.051 -9.045  6.794   1.00 18.38 ? 3    MSE A N   1 
HETATM 24  C  CA  . MSE A 1 3  ? -10.837 -8.504  5.721   1.00 15.20 ? 3    MSE A CA  1 
HETATM 25  C  C   . MSE A 1 3  ? -9.761  -8.096  4.677   1.00 12.20 ? 3    MSE A C   1 
HETATM 26  O  O   . MSE A 1 3  ? -9.079  -7.097  4.910   1.00 14.09 ? 3    MSE A O   1 
HETATM 27  C  CB  . MSE A 1 3  ? -11.569 -7.213  6.173   1.00 13.79 ? 3    MSE A CB  1 
HETATM 28  C  CG  . MSE A 1 3  ? -12.813 -7.631  7.152   1.00 14.41 ? 3    MSE A CG  1 
HETATM 29  SE SE  . MSE A 1 3  ? -13.500 -6.017  8.012   1.00 16.03 ? 3    MSE A SE  1 
HETATM 30  C  CE  . MSE A 1 3  ? -11.869 -5.757  8.974   1.00 22.45 ? 3    MSE A CE  1 
ATOM   31  N  N   . PRO A 1 4  ? -9.700  -8.733  3.539   1.00 11.66 ? 4    PRO A N   1 
ATOM   32  C  CA  . PRO A 1 4  ? -8.649  -8.375  2.514   1.00 11.84 ? 4    PRO A CA  1 
ATOM   33  C  C   . PRO A 1 4  ? -8.868  -6.942  1.883   1.00 10.78 ? 4    PRO A C   1 
ATOM   34  O  O   . PRO A 1 4  ? -9.888  -6.710  1.260   1.00 11.48 ? 4    PRO A O   1 
ATOM   35  C  CB  . PRO A 1 4  ? -8.832  -9.448  1.426   1.00 14.24 ? 4    PRO A CB  1 
ATOM   36  C  CG  . PRO A 1 4  ? -9.618  -10.602 2.183   1.00 17.23 ? 4    PRO A CG  1 
ATOM   37  C  CD  . PRO A 1 4  ? -10.592 -9.818  3.089   1.00 13.04 ? 4    PRO A CD  1 
ATOM   38  N  N   . PRO A 1 5  ? -7.907  -6.029  2.112   1.00 10.44 ? 5    PRO A N   1 
ATOM   39  C  CA  . PRO A 1 5  ? -8.090  -4.718  1.534   1.00 10.54 ? 5    PRO A CA  1 
ATOM   40  C  C   . PRO A 1 5  ? -7.989  -4.640  -0.011  1.00 10.04 ? 5    PRO A C   1 
ATOM   41  O  O   . PRO A 1 5  ? -7.343  -5.432  -0.677  1.00 9.12  ? 5    PRO A O   1 
ATOM   42  C  CB  . PRO A 1 5  ? -6.961  -3.902  2.114   1.00 13.39 ? 5    PRO A CB  1 
ATOM   43  C  CG  . PRO A 1 5  ? -6.620  -4.553  3.475   1.00 15.01 ? 5    PRO A CG  1 
ATOM   44  C  CD  . PRO A 1 5  ? -6.726  -6.064  2.966   1.00 13.87 ? 5    PRO A CD  1 
ATOM   45  N  N   . ARG A 1 6  ? -8.660  -3.620  -0.577  1.00 7.34  ? 6    ARG A N   1 
ATOM   46  C  CA  . ARG A 1 6  ? -8.573  -3.392  -1.983  1.00 8.30  ? 6    ARG A CA  1 
ATOM   47  C  C   . ARG A 1 6  ? -7.284  -2.580  -2.261  1.00 6.12  ? 6    ARG A C   1 
ATOM   48  O  O   . ARG A 1 6  ? -6.985  -1.637  -1.552  1.00 6.04  ? 6    ARG A O   1 
ATOM   49  C  CB  . ARG A 1 6  ? -9.741  -2.514  -2.338  1.00 7.82  ? 6    ARG A CB  1 
ATOM   50  C  CG  . ARG A 1 6  ? -11.126 -3.193  -2.288  1.00 11.52 ? 6    ARG A CG  1 
ATOM   51  C  CD  . ARG A 1 6  ? -12.246 -2.246  -2.714  1.00 14.43 ? 6    ARG A CD  1 
ATOM   52  N  NE  . ARG A 1 6  ? -12.562 -0.955  -2.036  1.00 20.29 ? 6    ARG A NE  1 
ATOM   53  C  CZ  . ARG A 1 6  ? -12.184 0.301   -2.357  1.00 21.77 ? 6    ARG A CZ  1 
ATOM   54  N  NH1 . ARG A 1 6  ? -11.347 0.600   -3.411  1.00 16.55 ? 6    ARG A NH1 1 
ATOM   55  N  NH2 . ARG A 1 6  ? -12.785 1.292   -1.617  1.00 22.29 ? 6    ARG A NH2 1 
ATOM   56  N  N   . PRO A 1 7  ? -6.498  -2.969  -3.262  1.00 5.09  ? 7    PRO A N   1 
ATOM   57  C  CA  . PRO A 1 7  ? -5.252  -2.257  -3.563  1.00 5.44  ? 7    PRO A CA  1 
ATOM   58  C  C   . PRO A 1 7  ? -5.465  -0.768  -3.729  1.00 4.80  ? 7    PRO A C   1 
ATOM   59  O  O   . PRO A 1 7  ? -4.601  -0.006  -3.306  1.00 4.93  ? 7    PRO A O   1 
ATOM   60  C  CB  . PRO A 1 7  ? -4.839  -2.884  -4.865  1.00 6.73  ? 7    PRO A CB  1 
ATOM   61  C  CG  . PRO A 1 7  ? -5.395  -4.312  -4.847  1.00 8.53  ? 7    PRO A CG  1 
ATOM   62  C  CD  . PRO A 1 7  ? -6.647  -4.244  -4.008  1.00 7.28  ? 7    PRO A CD  1 
ATOM   63  N  N   . GLU A 1 8  ? -6.534  -0.363  -4.398  1.00 5.57  ? 8    GLU A N   1 
ATOM   64  C  CA  . GLU A 1 8  ? -6.694  1.107   -4.583  1.00 4.60  ? 8    GLU A CA  1 
ATOM   65  C  C   . GLU A 1 8  ? -7.001  1.806   -3.280  1.00 3.78  ? 8    GLU A C   1 
ATOM   66  O  O   . GLU A 1 8  ? -6.689  3.036   -3.235  1.00 5.72  ? 8    GLU A O   1 
ATOM   67  C  CB  . GLU A 1 8  ? -7.772  1.460   -5.652  1.00 5.42  ? 8    GLU A CB  1 
ATOM   68  C  CG  . GLU A 1 8  ? -7.333  0.956   -7.037  1.00 8.05  ? 8    GLU A CG  1 
ATOM   69  C  CD  . GLU A 1 8  ? -6.291  1.733   -7.731  1.00 10.02 ? 8    GLU A CD  1 
ATOM   70  O  OE1 . GLU A 1 8  ? -5.751  2.694   -7.167  1.00 13.44 ? 8    GLU A OE1 1 
ATOM   71  O  OE2 . GLU A 1 8  ? -5.866  1.437   -8.870  1.00 10.56 ? 8    GLU A OE2 1 
ATOM   72  N  N   . GLU A 1 9  ? -7.616  1.143   -2.335  1.00 4.98  ? 9    GLU A N   1 
ATOM   73  C  CA  . GLU A 1 9  ? -7.813  1.787   -1.068  1.00 5.44  ? 9    GLU A CA  1 
ATOM   74  C  C   . GLU A 1 9  ? -6.508  1.858   -0.345  1.00 5.95  ? 9    GLU A C   1 
ATOM   75  O  O   . GLU A 1 9  ? -6.179  2.898   0.317   1.00 6.18  ? 9    GLU A O   1 
ATOM   76  C  CB  . GLU A 1 9  ? -8.830  0.941   -0.314  1.00 9.86  ? 9    GLU A CB  1 
ATOM   77  C  CG  . GLU A 1 9  ? -9.184  1.475   0.988   1.00 14.71 ? 9    GLU A CG  1 
ATOM   78  C  CD  . GLU A 1 9  ? -10.016 2.816   0.942   1.00 17.62 ? 9    GLU A CD  1 
ATOM   79  O  OE1 . GLU A 1 9  ? -10.142 3.461   -0.114  1.00 20.77 ? 9    GLU A OE1 1 
ATOM   80  O  OE2 . GLU A 1 9  ? -10.494 3.171   2.009   1.00 19.46 ? 9    GLU A OE2 1 
ATOM   81  N  N   . VAL A 1 10 ? -5.653  0.826   -0.380  1.00 3.58  ? 10   VAL A N   1 
ATOM   82  C  CA  . VAL A 1 10 ? -4.333  0.935   0.184   1.00 6.04  ? 10   VAL A CA  1 
ATOM   83  C  C   . VAL A 1 10 ? -3.605  2.111   -0.439  1.00 5.22  ? 10   VAL A C   1 
ATOM   84  O  O   . VAL A 1 10 ? -2.948  2.907   0.285   1.00 6.79  ? 10   VAL A O   1 
ATOM   85  C  CB  . VAL A 1 10 ? -3.543  -0.364  -0.132  1.00 6.90  ? 10   VAL A CB  1 
ATOM   86  C  CG1 . VAL A 1 10 ? -2.043  -0.248  0.199   1.00 7.54  ? 10   VAL A CG1 1 
ATOM   87  C  CG2 . VAL A 1 10 ? -4.207  -1.571  0.643   1.00 7.21  ? 10   VAL A CG2 1 
ATOM   88  N  N   . ALA A 1 11 ? -3.649  2.261   -1.795  1.00 4.17  ? 11   ALA A N   1 
ATOM   89  C  CA  . ALA A 1 11 ? -2.910  3.374   -2.448  1.00 5.77  ? 11   ALA A CA  1 
ATOM   90  C  C   . ALA A 1 11 ? -3.488  4.683   -1.994  1.00 4.45  ? 11   ALA A C   1 
ATOM   91  O  O   . ALA A 1 11 ? -2.696  5.621   -1.798  1.00 6.31  ? 11   ALA A O   1 
ATOM   92  C  CB  . ALA A 1 11 ? -3.037  3.225   -3.922  1.00 10.33 ? 11   ALA A CB  1 
ATOM   93  N  N   . ARG A 1 12 ? -4.755  4.861   -1.855  1.00 4.82  ? 12   ARG A N   1 
ATOM   94  C  CA  . ARG A 1 12 ? -5.248  6.165   -1.396  1.00 3.32  ? 12   ARG A CA  1 
ATOM   95  C  C   . ARG A 1 12 ? -4.707  6.492   -0.019  1.00 3.87  ? 12   ARG A C   1 
ATOM   96  O  O   . ARG A 1 12 ? -4.356  7.649   0.255   1.00 4.06  ? 12   ARG A O   1 
ATOM   97  C  CB  . ARG A 1 12 ? -6.765  6.080   -1.297  1.00 4.61  ? 12   ARG A CB  1 
ATOM   98  C  CG  . ARG A 1 12 ? -7.369  7.458   -0.825  1.00 6.09  ? 12   ARG A CG  1 
ATOM   99  C  CD  . ARG A 1 12 ? -8.939  7.340   -0.505  1.00 8.68  ? 12   ARG A CD  1 
ATOM   100 N  NE  . ARG A 1 12 ? -9.237  6.394   0.536   1.00 8.07  ? 12   ARG A NE  1 
ATOM   101 C  CZ  . ARG A 1 12 ? -8.958  6.594   1.864   1.00 8.63  ? 12   ARG A CZ  1 
ATOM   102 N  NH1 . ARG A 1 12 ? -8.381  7.717   2.260   1.00 8.24  ? 12   ARG A NH1 1 
ATOM   103 N  NH2 . ARG A 1 12 ? -9.202  5.641   2.833   1.00 11.20 ? 12   ARG A NH2 1 
ATOM   104 N  N   . LYS A 1 13 ? -4.676  5.508   0.917   1.00 4.41  ? 13   LYS A N   1 
ATOM   105 C  CA  . LYS A 1 13 ? -4.146  5.765   2.244   1.00 3.67  ? 13   LYS A CA  1 
ATOM   106 C  C   . LYS A 1 13 ? -2.688  6.080   2.166   1.00 4.60  ? 13   LYS A C   1 
ATOM   107 O  O   . LYS A 1 13 ? -2.204  7.033   2.852   1.00 5.65  ? 13   LYS A O   1 
ATOM   108 C  CB  . LYS A 1 13 ? -4.432  4.466   2.992   1.00 5.11  ? 13   LYS A CB  1 
ATOM   109 C  CG  . LYS A 1 13 ? -5.948  4.325   3.329   1.00 7.52  ? 13   LYS A CG  1 
ATOM   110 C  CD  . LYS A 1 13 ? -6.231  2.803   3.716   1.00 9.08  ? 13   LYS A CD  1 
ATOM   111 C  CE  . LYS A 1 13 ? -7.654  2.525   4.147   1.00 7.70  ? 13   LYS A CE  1 
ATOM   112 N  NZ  . LYS A 1 13 ? -7.890  3.093   5.465   1.00 8.38  ? 13   LYS A NZ  1 
ATOM   113 N  N   . LEU A 1 14 ? -1.925  5.373   1.368   1.00 4.57  ? 14   LEU A N   1 
ATOM   114 C  CA  . LEU A 1 14 ? -0.497  5.767   1.266   1.00 4.80  ? 14   LEU A CA  1 
ATOM   115 C  C   . LEU A 1 14 ? -0.353  7.225   0.759   1.00 5.04  ? 14   LEU A C   1 
ATOM   116 O  O   . LEU A 1 14 ? 0.473   7.996   1.253   1.00 4.96  ? 14   LEU A O   1 
ATOM   117 C  CB  . LEU A 1 14 ? 0.251   4.797   0.337   1.00 5.05  ? 14   LEU A CB  1 
ATOM   118 C  CG  . LEU A 1 14 ? 0.306   3.320   0.783   1.00 7.06  ? 14   LEU A CG  1 
ATOM   119 C  CD1 . LEU A 1 14 ? 0.935   2.470   -0.275  1.00 8.28  ? 14   LEU A CD1 1 
ATOM   120 C  CD2 . LEU A 1 14 ? 1.214   3.205   2.089   1.00 9.73  ? 14   LEU A CD2 1 
ATOM   121 N  N   . ARG A 1 15 ? -1.133  7.524   -0.268  1.00 3.90  ? 15   ARG A N   1 
ATOM   122 C  CA  . ARG A 1 15 ? -1.022  8.865   -0.792  1.00 4.67  ? 15   ARG A CA  1 
ATOM   123 C  C   . ARG A 1 15 ? -1.404  9.970   0.260   1.00 4.45  ? 15   ARG A C   1 
ATOM   124 O  O   . ARG A 1 15 ? -0.822  11.073  0.267   1.00 5.19  ? 15   ARG A O   1 
ATOM   125 C  CB  . ARG A 1 15 ? -1.839  9.096   -2.089  1.00 5.71  ? 15   ARG A CB  1 
ATOM   126 C  CG  . ARG A 1 15 ? -1.397  8.212   -3.241  1.00 5.40  ? 15   ARG A CG  1 
ATOM   127 C  CD  . ARG A 1 15 ? -2.101  8.617   -4.557  1.00 8.67  ? 15   ARG A CD  1 
ATOM   128 N  NE  . ARG A 1 15 ? -3.508  8.344   -4.488  1.00 8.13  ? 15   ARG A NE  1 
ATOM   129 C  CZ  . ARG A 1 15 ? -4.132  7.264   -4.924  1.00 9.86  ? 15   ARG A CZ  1 
ATOM   130 N  NH1 . ARG A 1 15 ? -3.497  6.244   -5.456  1.00 13.45 ? 15   ARG A NH1 1 
ATOM   131 N  NH2 . ARG A 1 15 ? -5.425  7.234   -4.832  1.00 7.41  ? 15   ARG A NH2 1 
ATOM   132 N  N   . ARG A 1 16 ? -2.314  9.600   1.181   1.00 4.19  ? 16   ARG A N   1 
ATOM   133 C  CA  . ARG A 1 16 ? -2.730  10.600  2.202   1.00 5.19  ? 16   ARG A CA  1 
ATOM   134 C  C   . ARG A 1 16 ? -1.580  10.828  3.129   1.00 6.25  ? 16   ARG A C   1 
ATOM   135 O  O   . ARG A 1 16 ? -1.535  11.933  3.771   1.00 8.47  ? 16   ARG A O   1 
ATOM   136 C  CB  . ARG A 1 16 ? -3.965  10.044  2.954   1.00 5.34  ? 16   ARG A CB  1 
ATOM   137 C  CG  . ARG A 1 16 ? -4.555  11.047  3.938   1.00 7.68  ? 16   ARG A CG  1 
ATOM   138 C  CD  . ARG A 1 16 ? -6.019  10.645  4.221   1.00 10.30 ? 16   ARG A CD  1 
ATOM   139 N  NE  . ARG A 1 16 ? -6.596  11.754  4.994   1.00 12.45 ? 16   ARG A NE  1 
ATOM   140 C  CZ  . ARG A 1 16 ? -7.583  11.628  5.887   1.00 14.74 ? 16   ARG A CZ  1 
ATOM   141 N  NH1 . ARG A 1 16 ? -8.098  10.400  6.121   1.00 14.24 ? 16   ARG A NH1 1 
ATOM   142 N  NH2 . ARG A 1 16 ? -8.090  12.760  6.530   1.00 14.55 ? 16   ARG A NH2 1 
ATOM   143 N  N   . LEU A 1 17 ? -0.667  9.871   3.299   1.00 4.13  ? 17   LEU A N   1 
ATOM   144 C  CA  . LEU A 1 17 ? 0.532   10.039  4.161   1.00 6.47  ? 17   LEU A CA  1 
ATOM   145 C  C   . LEU A 1 17 ? 1.676   10.800  3.484   1.00 6.24  ? 17   LEU A C   1 
ATOM   146 O  O   . LEU A 1 17 ? 2.680   11.094  4.154   1.00 8.18  ? 17   LEU A O   1 
ATOM   147 C  CB  . LEU A 1 17 ? 1.153   8.669   4.631   1.00 7.10  ? 17   LEU A CB  1 
ATOM   148 C  CG  . LEU A 1 17 ? 0.266   7.934   5.548   1.00 6.12  ? 17   LEU A CG  1 
ATOM   149 C  CD1 . LEU A 1 17 ? 0.736   6.519   5.702   1.00 8.27  ? 17   LEU A CD1 1 
ATOM   150 C  CD2 . LEU A 1 17 ? 0.170   8.669   6.945   1.00 9.28  ? 17   LEU A CD2 1 
ATOM   151 N  N   . GLY A 1 18 ? 1.591   11.035  2.184   1.00 5.55  ? 18   GLY A N   1 
ATOM   152 C  CA  . GLY A 1 18 ? 2.601   11.732  1.415   1.00 7.18  ? 18   GLY A CA  1 
ATOM   153 C  C   . GLY A 1 18 ? 3.387   10.822  0.491   1.00 6.81  ? 18   GLY A C   1 
ATOM   154 O  O   . GLY A 1 18 ? 4.359   11.271  -0.042  1.00 7.02  ? 18   GLY A O   1 
ATOM   155 N  N   . PHE A 1 19 ? 2.982   9.518   0.388   1.00 4.99  ? 19   PHE A N   1 
ATOM   156 C  CA  . PHE A 1 19 ? 3.682   8.700   -0.620  1.00 4.06  ? 19   PHE A CA  1 
ATOM   157 C  C   . PHE A 1 19 ? 3.234   9.191   -2.026  1.00 5.22  ? 19   PHE A C   1 
ATOM   158 O  O   . PHE A 1 19 ? 2.047   9.566   -2.255  1.00 6.10  ? 19   PHE A O   1 
ATOM   159 C  CB  . PHE A 1 19 ? 3.229   7.257   -0.530  1.00 7.01  ? 19   PHE A CB  1 
ATOM   160 C  CG  . PHE A 1 19 ? 3.899   6.499   0.593   1.00 4.93  ? 19   PHE A CG  1 
ATOM   161 C  CD1 . PHE A 1 19 ? 5.013   5.732   0.310   1.00 5.10  ? 19   PHE A CD1 1 
ATOM   162 C  CD2 . PHE A 1 19 ? 3.407   6.611   1.933   1.00 5.22  ? 19   PHE A CD2 1 
ATOM   163 C  CE1 . PHE A 1 19 ? 5.669   5.031   1.332   1.00 5.41  ? 19   PHE A CE1 1 
ATOM   164 C  CE2 . PHE A 1 19 ? 4.106   5.860   2.990   1.00 5.84  ? 19   PHE A CE2 1 
ATOM   165 C  CZ  . PHE A 1 19 ? 5.246   5.089   2.643   1.00 4.46  ? 19   PHE A CZ  1 
ATOM   166 N  N   . VAL A 1 20 ? 4.136   9.072   -2.985  1.00 5.07  ? 20   VAL A N   1 
ATOM   167 C  CA  . VAL A 1 20 ? 3.816   9.522   -4.355  1.00 5.29  ? 20   VAL A CA  1 
ATOM   168 C  C   . VAL A 1 20 ? 4.175   8.396   -5.292  1.00 4.77  ? 20   VAL A C   1 
ATOM   169 O  O   . VAL A 1 20 ? 5.219   7.668   -5.178  1.00 5.48  ? 20   VAL A O   1 
ATOM   170 C  CB  . VAL A 1 20 ? 4.715   10.724  -4.719  1.00 7.22  ? 20   VAL A CB  1 
ATOM   171 C  CG1 . VAL A 1 20 ? 4.455   11.209  -6.224  1.00 9.77  ? 20   VAL A CG1 1 
ATOM   172 C  CG2 . VAL A 1 20 ? 4.186   11.864  -3.828  1.00 6.31  ? 20   VAL A CG2 1 
ATOM   173 N  N   . GLU A 1 21 ? 3.360   8.225   -6.317  1.00 5.02  ? 21   GLU A N   1 
ATOM   174 C  CA  . GLU A 1 21 ? 3.552   7.166   -7.279  1.00 7.77  ? 21   GLU A CA  1 
ATOM   175 C  C   . GLU A 1 21 ? 4.775   7.539   -8.181  1.00 8.20  ? 21   GLU A C   1 
ATOM   176 O  O   . GLU A 1 21 ? 4.802   8.652   -8.781  1.00 9.65  ? 21   GLU A O   1 
ATOM   177 C  CB  . GLU A 1 21 ? 2.271   7.063   -8.210  1.00 8.75  ? 21   GLU A CB  1 
ATOM   178 C  CG  . GLU A 1 21 ? 2.500   6.027   -9.339  1.00 12.92 ? 21   GLU A CG  1 
ATOM   179 C  CD  . GLU A 1 21 ? 1.620   6.338   -10.577 1.00 19.03 ? 21   GLU A CD  1 
ATOM   180 O  OE1 . GLU A 1 21 ? 2.157   6.696   -11.698 1.00 22.39 ? 21   GLU A OE1 1 
ATOM   181 O  OE2 . GLU A 1 21 ? 0.393   6.324   -10.393 1.00 18.65 ? 21   GLU A OE2 1 
ATOM   182 N  N   . ARG A 1 22 ? 5.779   6.615   -8.294  1.00 6.94  ? 22   ARG A N   1 
ATOM   183 C  CA  . ARG A 1 22 ? 7.003   6.850   -9.088  1.00 6.97  ? 22   ARG A CA  1 
ATOM   184 C  C   . ARG A 1 22 ? 7.128   5.914   -10.236 1.00 8.53  ? 22   ARG A C   1 
ATOM   185 O  O   . ARG A 1 22 ? 7.937   6.164   -11.154 1.00 8.24  ? 22   ARG A O   1 
ATOM   186 C  CB  . ARG A 1 22 ? 8.303   6.762   -8.212  1.00 7.63  ? 22   ARG A CB  1 
ATOM   187 C  CG  . ARG A 1 22 ? 8.304   7.701   -6.980  1.00 6.78  ? 22   ARG A CG  1 
ATOM   188 C  CD  . ARG A 1 22 ? 8.197   9.151   -7.405  1.00 10.99 ? 22   ARG A CD  1 
ATOM   189 N  NE  . ARG A 1 22 ? 8.440   10.096  -6.346  0.50 13.99 ? 22   ARG A NE  1 
ATOM   190 C  CZ  . ARG A 1 22 ? 8.289   11.402  -6.599  1.00 20.60 ? 22   ARG A CZ  1 
ATOM   191 N  NH1 . ARG A 1 22 ? 7.976   11.804  -7.854  0.50 17.15 ? 22   ARG A NH1 1 
ATOM   192 N  NH2 . ARG A 1 22 ? 8.221   12.255  -5.585  0.50 16.24 ? 22   ARG A NH2 1 
HETATM 193 N  N   . MSE A 1 23 ? 6.371   4.814   -10.265 1.00 7.39  ? 23   MSE A N   1 
HETATM 194 C  CA  . MSE A 1 23 ? 6.411   3.890   -11.413 1.00 7.76  ? 23   MSE A CA  1 
HETATM 195 C  C   . MSE A 1 23 ? 5.127   3.204   -11.506 1.00 8.67  ? 23   MSE A C   1 
HETATM 196 O  O   . MSE A 1 23 ? 4.547   2.837   -10.443 1.00 9.66  ? 23   MSE A O   1 
HETATM 197 C  CB  . MSE A 1 23 ? 7.552   2.882   -11.207 1.00 9.30  ? 23   MSE A CB  1 
HETATM 198 C  CG  . MSE A 1 23 ? 7.885   2.253   -12.500 1.00 10.86 ? 23   MSE A CG  1 
HETATM 199 SE SE  . MSE A 1 23 ? 9.359   0.978   -12.231 1.00 15.15 ? 23   MSE A SE  1 
HETATM 200 C  CE  . MSE A 1 23 ? 9.047   0.071   -13.738 1.00 12.31 ? 23   MSE A CE  1 
ATOM   201 N  N   . ALA A 1 24 ? 4.587   2.985   -12.672 1.00 9.94  ? 24   ALA A N   1 
ATOM   202 C  CA  . ALA A 1 24 ? 3.401   2.245   -12.885 1.00 10.93 ? 24   ALA A CA  1 
ATOM   203 C  C   . ALA A 1 24 ? 3.582   1.431   -14.163 1.00 12.77 ? 24   ALA A C   1 
ATOM   204 O  O   . ALA A 1 24 ? 3.726   2.006   -15.291 1.00 16.05 ? 24   ALA A O   1 
ATOM   205 C  CB  . ALA A 1 24 ? 2.118   3.183   -13.015 1.00 12.15 ? 24   ALA A CB  1 
ATOM   206 N  N   . LYS A 1 25 ? 3.627   0.141   -13.995 1.00 12.46 ? 25   LYS A N   1 
ATOM   207 C  CA  . LYS A 1 25 ? 3.852   -0.764  -15.113 1.00 13.39 ? 25   LYS A CA  1 
ATOM   208 C  C   . LYS A 1 25 ? 3.476   -2.166  -14.762 1.00 11.16 ? 25   LYS A C   1 
ATOM   209 O  O   . LYS A 1 25 ? 3.673   -2.601  -13.606 1.00 10.91 ? 25   LYS A O   1 
ATOM   210 C  CB  . LYS A 1 25 ? 5.333   -0.758  -15.466 1.00 17.57 ? 25   LYS A CB  1 
ATOM   211 C  CG  . LYS A 1 25 ? 5.648   -1.577  -16.671 1.00 19.59 ? 25   LYS A CG  1 
ATOM   212 C  CD  . LYS A 1 25 ? 7.121   -1.291  -17.033 1.00 23.00 ? 25   LYS A CD  1 
ATOM   213 C  CE  . LYS A 1 25 ? 7.562   -2.095  -18.248 1.00 25.72 ? 25   LYS A CE  1 
ATOM   214 N  NZ  . LYS A 1 25 ? 7.558   -3.514  -17.958 1.00 30.46 ? 25   LYS A NZ  1 
ATOM   215 N  N   . GLY A 1 26 ? 2.946   -2.966  -15.692 1.00 11.09 ? 26   GLY A N   1 
ATOM   216 C  CA  . GLY A 1 26 ? 2.740   -4.346  -15.350 1.00 10.50 ? 26   GLY A CA  1 
ATOM   217 C  C   . GLY A 1 26 ? 1.730   -4.641  -14.220 1.00 11.02 ? 26   GLY A C   1 
ATOM   218 O  O   . GLY A 1 26 ? 1.863   -5.720  -13.605 1.00 13.05 ? 26   GLY A O   1 
ATOM   219 N  N   . GLY A 1 27 ? 0.793   -3.709  -14.034 1.00 10.18 ? 27   GLY A N   1 
ATOM   220 C  CA  . GLY A 1 27 ? -0.220  -3.962  -13.006 1.00 7.32  ? 27   GLY A CA  1 
ATOM   221 C  C   . GLY A 1 27 ? 0.268   -3.690  -11.625 1.00 9.27  ? 27   GLY A C   1 
ATOM   222 O  O   . GLY A 1 27 ? -0.344  -4.142  -10.655 1.00 11.37 ? 27   GLY A O   1 
ATOM   223 N  N   . HIS A 1 28 ? 1.457   -3.125  -11.530 1.00 8.28  ? 28   HIS A N   1 
ATOM   224 C  CA  . HIS A 1 28 ? 2.030   -2.747  -10.183 1.00 6.74  ? 28   HIS A CA  1 
ATOM   225 C  C   . HIS A 1 28 ? 2.363   -1.278  -10.154 1.00 7.11  ? 28   HIS A C   1 
ATOM   226 O  O   . HIS A 1 28 ? 2.662   -0.719  -11.196 1.00 6.58  ? 28   HIS A O   1 
ATOM   227 C  CB  . HIS A 1 28 ? 3.356   -3.533  -9.971  1.00 6.99  ? 28   HIS A CB  1 
ATOM   228 C  CG  . HIS A 1 28 ? 3.116   -5.020  -9.824  1.00 8.82  ? 28   HIS A CG  1 
ATOM   229 N  ND1 . HIS A 1 28 ? 2.752   -5.787  -10.911 1.00 9.99  ? 28   HIS A ND1 1 
ATOM   230 C  CD2 . HIS A 1 28 ? 3.147   -5.835  -8.714  1.00 9.47  ? 28   HIS A CD2 1 
ATOM   231 C  CE1 . HIS A 1 28 ? 2.614   -7.051  -10.471 1.00 10.50 ? 28   HIS A CE1 1 
ATOM   232 N  NE2 . HIS A 1 28 ? 2.846   -7.099  -9.176  1.00 11.33 ? 28   HIS A NE2 1 
ATOM   233 N  N   . ARG A 1 29 ? 2.387   -0.666  -8.939  1.00 5.33  ? 29   ARG A N   1 
ATOM   234 C  CA  . ARG A 1 29 ? 2.868   0.702   -8.847  1.00 5.09  ? 29   ARG A CA  1 
ATOM   235 C  C   . ARG A 1 29 ? 3.849   0.716   -7.702  1.00 6.04  ? 29   ARG A C   1 
ATOM   236 O  O   . ARG A 1 29 ? 3.636   0.018   -6.683  1.00 6.50  ? 29   ARG A O   1 
ATOM   237 C  CB  . ARG A 1 29 ? 1.703   1.739   -8.701  1.00 6.89  ? 29   ARG A CB  1 
ATOM   238 C  CG  . ARG A 1 29 ? 0.674   1.515   -9.838  1.00 7.64  ? 29   ARG A CG  1 
ATOM   239 C  CD  . ARG A 1 29 ? -0.160  2.745   -10.002 1.00 12.65 ? 29   ARG A CD  1 
ATOM   240 N  NE  . ARG A 1 29 ? -1.004  3.186   -8.908  1.00 14.68 ? 29   ARG A NE  1 
ATOM   241 C  CZ  . ARG A 1 29 ? -2.312  2.881   -8.752  1.00 12.32 ? 29   ARG A CZ  1 
ATOM   242 N  NH1 . ARG A 1 29 ? -3.016  2.086   -9.528  1.00 12.56 ? 29   ARG A NH1 1 
ATOM   243 N  NH2 . ARG A 1 29 ? -2.914  3.441   -7.707  1.00 10.70 ? 29   ARG A NH2 1 
ATOM   244 N  N   . LEU A 1 30 ? 4.819   1.569   -7.826  1.00 5.34  ? 30   LEU A N   1 
ATOM   245 C  CA  . LEU A 1 30 ? 5.827   1.746   -6.769  1.00 6.04  ? 30   LEU A CA  1 
ATOM   246 C  C   . LEU A 1 30 ? 5.642   3.128   -6.294  1.00 6.72  ? 30   LEU A C   1 
ATOM   247 O  O   . LEU A 1 30 ? 5.561   4.126   -7.064  1.00 6.18  ? 30   LEU A O   1 
ATOM   248 C  CB  . LEU A 1 30 ? 7.268   1.604   -7.404  1.00 7.66  ? 30   LEU A CB  1 
ATOM   249 C  CG  . LEU A 1 30 ? 8.380   1.770   -6.347  1.00 8.41  ? 30   LEU A CG  1 
ATOM   250 C  CD1 . LEU A 1 30 ? 9.573   0.903   -6.810  1.00 11.69 ? 30   LEU A CD1 1 
ATOM   251 C  CD2 . LEU A 1 30 ? 8.775   3.249   -6.180  1.00 9.44  ? 30   LEU A CD2 1 
ATOM   252 N  N   . TYR A 1 31 ? 5.595   3.281   -4.974  1.00 6.62  ? 31   TYR A N   1 
ATOM   253 C  CA  . TYR A 1 31 ? 5.350   4.572   -4.272  1.00 7.65  ? 31   TYR A CA  1 
ATOM   254 C  C   . TYR A 1 31 ? 6.538   4.901   -3.380  1.00 8.48  ? 31   TYR A C   1 
ATOM   255 O  O   . TYR A 1 31 ? 7.151   3.975   -2.764  1.00 7.93  ? 31   TYR A O   1 
ATOM   256 C  CB  . TYR A 1 31 ? 4.120   4.419   -3.307  1.00 6.77  ? 31   TYR A CB  1 
ATOM   257 C  CG  . TYR A 1 31 ? 2.821   4.423   -4.049  1.00 7.50  ? 31   TYR A CG  1 
ATOM   258 C  CD1 . TYR A 1 31 ? 2.201   5.638   -4.317  1.00 8.08  ? 31   TYR A CD1 1 
ATOM   259 C  CD2 . TYR A 1 31 ? 2.243   3.204   -4.503  1.00 10.58 ? 31   TYR A CD2 1 
ATOM   260 C  CE1 . TYR A 1 31 ? 0.984   5.707   -5.054  1.00 12.70 ? 31   TYR A CE1 1 
ATOM   261 C  CE2 . TYR A 1 31 ? 1.009   3.282   -5.259  1.00 10.42 ? 31   TYR A CE2 1 
ATOM   262 C  CZ  . TYR A 1 31 ? 0.438   4.545   -5.491  1.00 10.68 ? 31   TYR A CZ  1 
ATOM   263 O  OH  . TYR A 1 31 ? -0.757  4.920   -6.262  1.00 14.30 ? 31   TYR A OH  1 
ATOM   264 N  N   . THR A 1 32 ? 6.962   6.184   -3.319  1.00 6.44  ? 32   THR A N   1 
ATOM   265 C  CA  . THR A 1 32 ? 8.024   6.537   -2.369  1.00 7.42  ? 32   THR A CA  1 
ATOM   266 C  C   . THR A 1 32 ? 7.497   7.621   -1.513  1.00 6.64  ? 32   THR A C   1 
ATOM   267 O  O   . THR A 1 32 ? 6.642   8.399   -1.903  1.00 7.60  ? 32   THR A O   1 
ATOM   268 C  CB  . THR A 1 32 ? 9.345   7.054   -3.016  1.00 6.64  ? 32   THR A CB  1 
ATOM   269 O  OG1 . THR A 1 32 ? 9.128   8.285   -3.693  1.00 8.67  ? 32   THR A OG1 1 
ATOM   270 C  CG2 . THR A 1 32 ? 9.837   5.984   -4.022  1.00 10.12 ? 32   THR A CG2 1 
ATOM   271 N  N   . HIS A 1 33 ? 8.046   7.782   -0.297  1.00 5.69  ? 33   HIS A N   1 
ATOM   272 C  CA  . HIS A 1 33 ? 7.714   8.836   0.633   1.00 5.80  ? 33   HIS A CA  1 
ATOM   273 C  C   . HIS A 1 33 ? 8.959   9.713   0.781   1.00 6.28  ? 33   HIS A C   1 
ATOM   274 O  O   . HIS A 1 33 ? 10.109  9.265   0.557   1.00 6.60  ? 33   HIS A O   1 
ATOM   275 C  CB  . HIS A 1 33 ? 7.484   8.240   2.041   1.00 5.92  ? 33   HIS A CB  1 
ATOM   276 C  CG  . HIS A 1 33 ? 6.861   9.216   2.986   1.00 5.69  ? 33   HIS A CG  1 
ATOM   277 N  ND1 . HIS A 1 33 ? 7.627   10.085  3.790   1.00 8.66  ? 33   HIS A ND1 1 
ATOM   278 C  CD2 . HIS A 1 33 ? 5.572   9.521   3.169   1.00 6.44  ? 33   HIS A CD2 1 
ATOM   279 C  CE1 . HIS A 1 33 ? 6.758   10.874  4.429   1.00 8.33  ? 33   HIS A CE1 1 
ATOM   280 N  NE2 . HIS A 1 33 ? 5.505   10.561  4.099   1.00 7.46  ? 33   HIS A NE2 1 
ATOM   281 N  N   . PRO A 1 34 ? 8.756   10.983  1.095   1.00 8.20  ? 34   PRO A N   1 
ATOM   282 C  CA  . PRO A 1 34 ? 9.945   11.847  1.246   1.00 7.92  ? 34   PRO A CA  1 
ATOM   283 C  C   . PRO A 1 34 ? 10.974  11.328  2.283   1.00 7.96  ? 34   PRO A C   1 
ATOM   284 O  O   . PRO A 1 34 ? 12.151  11.623  2.099   1.00 10.78 ? 34   PRO A O   1 
ATOM   285 C  CB  . PRO A 1 34 ? 9.333   13.225  1.700   1.00 8.45  ? 34   PRO A CB  1 
ATOM   286 C  CG  . PRO A 1 34 ? 8.000   13.217  0.970   1.00 9.46  ? 34   PRO A CG  1 
ATOM   287 C  CD  . PRO A 1 34 ? 7.477   11.725  1.020   1.00 8.88  ? 34   PRO A CD  1 
ATOM   288 N  N   . ASP A 1 35 ? 10.510  10.537  3.254   1.00 7.59  ? 35   ASP A N   1 
ATOM   289 C  CA  . ASP A 1 35 ? 11.455  10.030  4.287   1.00 8.46  ? 35   ASP A CA  1 
ATOM   290 C  C   . ASP A 1 35 ? 12.193  8.821   3.860   1.00 8.24  ? 35   ASP A C   1 
ATOM   291 O  O   . ASP A 1 35 ? 12.999  8.333   4.617   1.00 11.94 ? 35   ASP A O   1 
ATOM   292 C  CB  . ASP A 1 35 ? 10.745  9.769   5.609   1.00 8.85  ? 35   ASP A CB  1 
ATOM   293 C  CG  . ASP A 1 35 ? 9.826   8.616   5.613   1.00 11.22 ? 35   ASP A CG  1 
ATOM   294 O  OD1 . ASP A 1 35 ? 9.740   7.787   4.707   1.00 10.20 ? 35   ASP A OD1 1 
ATOM   295 O  OD2 . ASP A 1 35 ? 9.051   8.557   6.620   1.00 13.90 ? 35   ASP A OD2 1 
ATOM   296 N  N   . GLY A 1 36 ? 11.951  8.350   2.584   1.00 6.59  ? 36   GLY A N   1 
ATOM   297 C  CA  . GLY A 1 36 ? 12.698  7.226   2.021   1.00 6.87  ? 36   GLY A CA  1 
ATOM   298 C  C   . GLY A 1 36 ? 11.957  5.908   2.028   1.00 8.27  ? 36   GLY A C   1 
ATOM   299 O  O   . GLY A 1 36 ? 12.557  4.974   1.503   1.00 10.78 ? 36   GLY A O   1 
ATOM   300 N  N   . ARG A 1 37 ? 10.788  5.781   2.630   1.00 6.71  ? 37   ARG A N   1 
ATOM   301 C  CA  . ARG A 1 37 ? 10.083  4.513   2.472   1.00 5.11  ? 37   ARG A CA  1 
ATOM   302 C  C   . ARG A 1 37 ? 9.765   4.279   1.028   1.00 5.72  ? 37   ARG A C   1 
ATOM   303 O  O   . ARG A 1 37 ? 9.475   5.260   0.279   1.00 7.87  ? 37   ARG A O   1 
ATOM   304 C  CB  . ARG A 1 37 ? 8.783   4.605   3.238   1.00 6.78  ? 37   ARG A CB  1 
ATOM   305 C  CG  . ARG A 1 37 ? 9.080   4.559   4.790   1.00 7.09  ? 37   ARG A CG  1 
ATOM   306 C  CD  . ARG A 1 37 ? 7.820   4.788   5.622   1.00 7.07  ? 37   ARG A CD  1 
ATOM   307 N  NE  . ARG A 1 37 ? 7.407   6.198   5.558   1.00 9.26  ? 37   ARG A NE  1 
ATOM   308 C  CZ  . ARG A 1 37 ? 6.273   6.672   5.959   1.00 8.81  ? 37   ARG A CZ  1 
ATOM   309 N  NH1 . ARG A 1 37 ? 5.286   5.969   6.422   1.00 8.55  ? 37   ARG A NH1 1 
ATOM   310 N  NH2 . ARG A 1 37 ? 6.149   8.017   6.103   1.00 10.58 ? 37   ARG A NH2 1 
ATOM   311 N  N   . ILE A 1 38 ? 9.752   2.999   0.656   1.00 5.39  ? 38   ILE A N   1 
ATOM   312 C  CA  . ILE A 1 38 ? 9.480   2.591   -0.704  1.00 4.85  ? 38   ILE A CA  1 
ATOM   313 C  C   . ILE A 1 38 ? 8.571   1.417   -0.583  1.00 7.33  ? 38   ILE A C   1 
ATOM   314 O  O   . ILE A 1 38 ? 8.844   0.428   0.119   1.00 7.75  ? 38   ILE A O   1 
ATOM   315 C  CB  . ILE A 1 38 ? 10.754  2.168   -1.493  1.00 9.33  ? 38   ILE A CB  1 
ATOM   316 C  CG1 . ILE A 1 38 ? 11.843  3.199   -1.701  1.00 14.84 ? 38   ILE A CG1 1 
ATOM   317 C  CG2 . ILE A 1 38 ? 10.274  1.692   -2.934  1.00 9.43  ? 38   ILE A CG2 1 
ATOM   318 C  CD1 . ILE A 1 38 ? 11.700  4.486   -1.072  1.00 20.76 ? 38   ILE A CD1 1 
ATOM   319 N  N   . VAL A 1 39 ? 7.454   1.472   -1.327  1.00 7.55  ? 39   VAL A N   1 
ATOM   320 C  CA  . VAL A 1 39 ? 6.432   0.451   -1.245  1.00 7.11  ? 39   VAL A CA  1 
ATOM   321 C  C   . VAL A 1 39 ? 5.902   0.079   -2.642  1.00 6.69  ? 39   VAL A C   1 
ATOM   322 O  O   . VAL A 1 39 ? 5.518   0.960   -3.387  1.00 8.22  ? 39   VAL A O   1 
ATOM   323 C  CB  . VAL A 1 39 ? 5.159   1.002   -0.435  1.00 9.13  ? 39   VAL A CB  1 
ATOM   324 C  CG1 . VAL A 1 39 ? 4.188   -0.152  -0.109  1.00 12.71 ? 39   VAL A CG1 1 
ATOM   325 C  CG2 . VAL A 1 39 ? 5.641   1.415   0.976   1.00 13.11 ? 39   VAL A CG2 1 
ATOM   326 N  N   . VAL A 1 40 ? 5.878   -1.211  -2.977  1.00 6.11  ? 40   VAL A N   1 
ATOM   327 C  CA  . VAL A 1 40 ? 5.274   -1.651  -4.192  1.00 5.44  ? 40   VAL A CA  1 
ATOM   328 C  C   . VAL A 1 40 ? 3.919   -2.255  -3.917  1.00 6.22  ? 40   VAL A C   1 
ATOM   329 O  O   . VAL A 1 40 ? 3.800   -3.032  -2.973  1.00 8.08  ? 40   VAL A O   1 
ATOM   330 C  CB  . VAL A 1 40 ? 6.119   -2.739  -4.852  1.00 6.96  ? 40   VAL A CB  1 
ATOM   331 C  CG1 . VAL A 1 40 ? 5.361   -3.280  -6.116  1.00 9.29  ? 40   VAL A CG1 1 
ATOM   332 C  CG2 . VAL A 1 40 ? 7.358   -2.062  -5.431  1.00 9.62  ? 40   VAL A CG2 1 
ATOM   333 N  N   . VAL A 1 41 ? 2.917   -1.934  -4.679  1.00 6.23  ? 41   VAL A N   1 
ATOM   334 C  CA  . VAL A 1 41 ? 1.556   -2.475  -4.469  1.00 5.56  ? 41   VAL A CA  1 
ATOM   335 C  C   . VAL A 1 41 ? 1.086   -3.074  -5.821  1.00 5.71  ? 41   VAL A C   1 
ATOM   336 O  O   . VAL A 1 41 ? 1.255   -2.452  -6.913  1.00 6.44  ? 41   VAL A O   1 
ATOM   337 C  CB  . VAL A 1 41 ? 0.542   -1.354  -4.146  1.00 5.82  ? 41   VAL A CB  1 
ATOM   338 C  CG1 . VAL A 1 41 ? -0.928  -1.989  -3.927  1.00 7.81  ? 41   VAL A CG1 1 
ATOM   339 C  CG2 . VAL A 1 41 ? 0.967   -0.670  -2.818  1.00 7.57  ? 41   VAL A CG2 1 
ATOM   340 N  N   . PRO A 1 42 ? 0.595   -4.287  -5.794  1.00 5.60  ? 42   PRO A N   1 
ATOM   341 C  CA  . PRO A 1 42 ? 0.027   -5.007  -6.977  1.00 4.49  ? 42   PRO A CA  1 
ATOM   342 C  C   . PRO A 1 42 ? -1.450  -4.640  -7.083  1.00 5.00  ? 42   PRO A C   1 
ATOM   343 O  O   . PRO A 1 42 ? -2.161  -4.617  -6.134  1.00 6.21  ? 42   PRO A O   1 
ATOM   344 C  CB  . PRO A 1 42 ? 0.228   -6.503  -6.631  1.00 4.63  ? 42   PRO A CB  1 
ATOM   345 C  CG  . PRO A 1 42 ? -0.057  -6.550  -5.146  1.00 5.86  ? 42   PRO A CG  1 
ATOM   346 C  CD  . PRO A 1 42 ? 0.665   -5.193  -4.603  1.00 5.64  ? 42   PRO A CD  1 
ATOM   347 N  N   . PHE A 1 43 ? -1.820  -4.312  -8.326  1.00 5.78  ? 43   PHE A N   1 
ATOM   348 C  CA  . PHE A 1 43 ? -3.229  -3.919  -8.642  1.00 7.14  ? 43   PHE A CA  1 
ATOM   349 C  C   . PHE A 1 43 ? -3.906  -4.868  -9.597  1.00 8.32  ? 43   PHE A C   1 
ATOM   350 O  O   . PHE A 1 43 ? -5.077  -4.651  -9.915  1.00 9.55  ? 43   PHE A O   1 
ATOM   351 C  CB  . PHE A 1 43 ? -3.216  -2.505  -9.267  1.00 6.90  ? 43   PHE A CB  1 
ATOM   352 C  CG  . PHE A 1 43 ? -2.764  -1.485  -8.265  1.00 5.51  ? 43   PHE A CG  1 
ATOM   353 C  CD1 . PHE A 1 43 ? -3.666  -0.869  -7.414  1.00 8.40  ? 43   PHE A CD1 1 
ATOM   354 C  CD2 . PHE A 1 43 ? -1.434  -1.133  -8.205  1.00 5.83  ? 43   PHE A CD2 1 
ATOM   355 C  CE1 . PHE A 1 43 ? -3.283  0.108   -6.499  1.00 9.61  ? 43   PHE A CE1 1 
ATOM   356 C  CE2 . PHE A 1 43 ? -0.992  -0.225  -7.324  1.00 6.38  ? 43   PHE A CE2 1 
ATOM   357 C  CZ  . PHE A 1 43 ? -1.927  0.437   -6.422  1.00 8.63  ? 43   PHE A CZ  1 
ATOM   358 N  N   . HIS A 1 44 ? -3.274  -5.979  -9.892  1.00 8.50  ? 44   HIS A N   1 
ATOM   359 C  CA  . HIS A 1 44 ? -3.890  -6.795  -10.936 1.00 9.43  ? 44   HIS A CA  1 
ATOM   360 C  C   . HIS A 1 44 ? -5.162  -7.462  -10.360 1.00 10.78 ? 44   HIS A C   1 
ATOM   361 O  O   . HIS A 1 44 ? -6.081  -7.809  -11.183 1.00 11.96 ? 44   HIS A O   1 
ATOM   362 C  CB  . HIS A 1 44 ? -2.902  -7.845  -11.426 1.00 9.96  ? 44   HIS A CB  1 
ATOM   363 C  CG  . HIS A 1 44 ? -2.107  -8.507  -10.345 1.00 10.26 ? 44   HIS A CG  1 
ATOM   364 N  ND1 . HIS A 1 44 ? -2.660  -9.405  -9.491  1.00 10.78 ? 44   HIS A ND1 1 
ATOM   365 C  CD2 . HIS A 1 44 ? -0.787  -8.403  -10.024 1.00 10.85 ? 44   HIS A CD2 1 
ATOM   366 C  CE1 . HIS A 1 44 ? -1.727  -9.887  -8.680  1.00 12.47 ? 44   HIS A CE1 1 
ATOM   367 N  NE2 . HIS A 1 44 ? -0.572  -9.295  -8.983  1.00 10.77 ? 44   HIS A NE2 1 
ATOM   368 N  N   . SER A 1 45 ? -5.309  -7.616  -9.043  1.00 8.27  ? 45   SER A N   1 
ATOM   369 C  CA  . SER A 1 45 ? -6.485  -8.255  -8.436  1.00 9.09  ? 45   SER A CA  1 
ATOM   370 C  C   . SER A 1 45 ? -7.280  -7.312  -7.599  1.00 7.84  ? 45   SER A C   1 
ATOM   371 O  O   . SER A 1 45 ? -6.763  -6.308  -7.175  1.00 11.16 ? 45   SER A O   1 
ATOM   372 C  CB  . SER A 1 45 ? -6.084  -9.397  -7.562  1.00 10.75 ? 45   SER A CB  1 
ATOM   373 O  OG  . SER A 1 45 ? -5.350  -10.313 -8.401  1.00 17.10 ? 45   SER A OG  1 
ATOM   374 N  N   . GLY A 1 46 ? -8.524  -7.586  -7.315  1.00 8.18  ? 46   GLY A N   1 
ATOM   375 C  CA  . GLY A 1 46 ? -9.347  -6.668  -6.544  1.00 9.02  ? 46   GLY A CA  1 
ATOM   376 C  C   . GLY A 1 46 ? -9.138  -6.715  -5.051  1.00 9.98  ? 46   GLY A C   1 
ATOM   377 O  O   . GLY A 1 46 ? -9.747  -5.936  -4.308  1.00 9.84  ? 46   GLY A O   1 
ATOM   378 N  N   . GLU A 1 47 ? -8.400  -7.709  -4.543  1.00 9.83  ? 47   GLU A N   1 
ATOM   379 C  CA  . GLU A 1 47 ? -8.171  -7.725  -3.095  1.00 11.71 ? 47   GLU A CA  1 
ATOM   380 C  C   . GLU A 1 47 ? -6.775  -8.326  -2.894  1.00 11.11 ? 47   GLU A C   1 
ATOM   381 O  O   . GLU A 1 47 ? -6.269  -9.051  -3.789  1.00 10.33 ? 47   GLU A O   1 
ATOM   382 C  CB  . GLU A 1 47 ? -9.242  -8.523  -2.341  1.00 14.46 ? 47   GLU A CB  1 
ATOM   383 C  CG  . GLU A 1 47 ? -9.178  -9.928  -2.583  1.00 16.16 ? 47   GLU A CG  1 
ATOM   384 C  CD  . GLU A 1 47 ? -10.232 -10.738 -1.781  1.00 20.84 ? 47   GLU A CD  1 
ATOM   385 O  OE1 . GLU A 1 47 ? -11.340 -10.228 -1.678  1.00 22.92 ? 47   GLU A OE1 1 
ATOM   386 O  OE2 . GLU A 1 47 ? -9.968  -11.941 -1.341  1.00 23.54 ? 47   GLU A OE2 1 
ATOM   387 N  N   . LEU A 1 48 ? -6.154  -7.899  -1.813  1.00 8.15  ? 48   LEU A N   1 
ATOM   388 C  CA  . LEU A 1 48 ? -4.798  -8.348  -1.593  1.00 7.51  ? 48   LEU A CA  1 
ATOM   389 C  C   . LEU A 1 48 ? -4.723  -9.583  -0.698  1.00 8.41  ? 48   LEU A C   1 
ATOM   390 O  O   . LEU A 1 48 ? -5.426  -9.701  0.289   1.00 9.98  ? 48   LEU A O   1 
ATOM   391 C  CB  . LEU A 1 48 ? -4.021  -7.285  -0.722  1.00 8.44  ? 48   LEU A CB  1 
ATOM   392 C  CG  . LEU A 1 48 ? -3.750  -5.993  -1.585  1.00 9.44  ? 48   LEU A CG  1 
ATOM   393 C  CD1 . LEU A 1 48 ? -3.204  -4.922  -0.585  1.00 12.72 ? 48   LEU A CD1 1 
ATOM   394 C  CD2 . LEU A 1 48 ? -2.701  -6.271  -2.692  1.00 9.92  ? 48   LEU A CD2 1 
ATOM   395 N  N   . PRO A 1 49 ? -3.720  -10.513 -1.008  1.00 8.08  ? 49   PRO A N   1 
ATOM   396 C  CA  . PRO A 1 49 ? -3.526  -11.669 -0.120  1.00 8.78  ? 49   PRO A CA  1 
ATOM   397 C  C   . PRO A 1 49 ? -3.054  -11.067 1.197   1.00 6.74  ? 49   PRO A C   1 
ATOM   398 O  O   . PRO A 1 49 ? -2.356  -10.038 1.258   1.00 7.11  ? 49   PRO A O   1 
ATOM   399 C  CB  . PRO A 1 49 ? -2.355  -12.394 -0.764  1.00 9.33  ? 49   PRO A CB  1 
ATOM   400 C  CG  . PRO A 1 49 ? -2.499  -12.128 -2.269  1.00 10.34 ? 49   PRO A CG  1 
ATOM   401 C  CD  . PRO A 1 49 ? -3.000  -10.631 -2.276  1.00 8.62  ? 49   PRO A CD  1 
ATOM   402 N  N   . LYS A 1 50 ? -3.259  -11.797 2.284   1.00 7.73  ? 50   LYS A N   1 
ATOM   403 C  CA  . LYS A 1 50 ? -2.844  -11.305 3.598   1.00 7.48  ? 50   LYS A CA  1 
ATOM   404 C  C   . LYS A 1 50 ? -1.345  -11.019 3.653   1.00 7.49  ? 50   LYS A C   1 
ATOM   405 O  O   . LYS A 1 50 ? -0.890  -10.013 4.190   1.00 7.13  ? 50   LYS A O   1 
ATOM   406 C  CB  . LYS A 1 50 ? -3.197  -12.356 4.773   1.00 9.20  ? 50   LYS A CB  1 
ATOM   407 C  CG  . LYS A 1 50 ? -2.814  -11.815 6.060   1.00 10.20 ? 50   LYS A CG  1 
ATOM   408 C  CD  . LYS A 1 50 ? -2.975  -12.822 7.359   1.00 13.51 ? 50   LYS A CD  1 
ATOM   409 C  CE  . LYS A 1 50 ? -4.504  -13.139 7.492   1.00 19.25 ? 50   LYS A CE  1 
ATOM   410 N  NZ  . LYS A 1 50 ? -4.831  -14.409 8.312   1.00 21.82 ? 50   LYS A NZ  1 
ATOM   411 N  N   . GLY A 1 51 ? -0.533  -11.970 3.160   1.00 6.63  ? 51   GLY A N   1 
ATOM   412 C  CA  . GLY A 1 51 ? 0.913   -11.711 3.256   1.00 5.98  ? 51   GLY A CA  1 
ATOM   413 C  C   . GLY A 1 51 ? 1.320   -10.455 2.497   1.00 6.20  ? 51   GLY A C   1 
ATOM   414 O  O   . GLY A 1 51 ? 2.310   -9.797  2.941   1.00 6.35  ? 51   GLY A O   1 
ATOM   415 N  N   . THR A 1 52 ? 0.688   -10.217 1.328   1.00 5.64  ? 52   THR A N   1 
ATOM   416 C  CA  . THR A 1 52 ? 1.061   -8.983  0.544   1.00 6.96  ? 52   THR A CA  1 
ATOM   417 C  C   . THR A 1 52 ? 0.664   -7.710  1.276   1.00 7.99  ? 52   THR A C   1 
ATOM   418 O  O   . THR A 1 52 ? 1.443   -6.759  1.355   1.00 7.44  ? 52   THR A O   1 
ATOM   419 C  CB  . THR A 1 52 ? 0.384   -9.076  -0.772  1.00 8.04  ? 52   THR A CB  1 
ATOM   420 O  OG1 . THR A 1 52 ? 0.741   -10.340 -1.325  1.00 10.34 ? 52   THR A OG1 1 
ATOM   421 C  CG2 . THR A 1 52 ? 0.834   -7.923  -1.692  1.00 8.60  ? 52   THR A CG2 1 
ATOM   422 N  N   . PHE A 1 53 ? -0.481  -7.717  1.941   1.00 5.98  ? 53   PHE A N   1 
ATOM   423 C  CA  . PHE A 1 53 ? -0.924  -6.625  2.747   1.00 5.81  ? 53   PHE A CA  1 
ATOM   424 C  C   . PHE A 1 53 ? 0.045   -6.379  3.919   1.00 5.36  ? 53   PHE A C   1 
ATOM   425 O  O   . PHE A 1 53 ? 0.443   -5.245  4.161   1.00 5.87  ? 53   PHE A O   1 
ATOM   426 C  CB  . PHE A 1 53 ? -2.351  -6.818  3.239   1.00 7.50  ? 53   PHE A CB  1 
ATOM   427 C  CG  . PHE A 1 53 ? -2.795  -5.706  4.192   1.00 10.31 ? 53   PHE A CG  1 
ATOM   428 C  CD1 . PHE A 1 53 ? -2.880  -4.360  3.723   1.00 10.49 ? 53   PHE A CD1 1 
ATOM   429 C  CD2 . PHE A 1 53 ? -3.149  -5.976  5.454   1.00 11.52 ? 53   PHE A CD2 1 
ATOM   430 C  CE1 . PHE A 1 53 ? -3.379  -3.405  4.715   1.00 10.61 ? 53   PHE A CE1 1 
ATOM   431 C  CE2 . PHE A 1 53 ? -3.594  -4.982  6.360   1.00 13.15 ? 53   PHE A CE2 1 
ATOM   432 C  CZ  . PHE A 1 53 ? -3.676  -3.720  5.898   1.00 13.19 ? 53   PHE A CZ  1 
ATOM   433 N  N   . LYS A 1 54 ? 0.425   -7.442  4.579   1.00 5.59  ? 54   LYS A N   1 
ATOM   434 C  CA  . LYS A 1 54 ? 1.385   -7.305  5.673   1.00 6.03  ? 54   LYS A CA  1 
ATOM   435 C  C   . LYS A 1 54 ? 2.791   -6.863  5.153   1.00 5.78  ? 54   LYS A C   1 
ATOM   436 O  O   . LYS A 1 54 ? 3.485   -6.071  5.893   1.00 7.45  ? 54   LYS A O   1 
ATOM   437 C  CB  . LYS A 1 54 ? 1.584   -8.673  6.393   1.00 8.60  ? 54   LYS A CB  1 
ATOM   438 C  CG  . LYS A 1 54 ? 0.277   -9.181  7.154   1.00 10.70 ? 54   LYS A CG  1 
ATOM   439 C  CD  . LYS A 1 54 ? -0.185  -8.283  8.256   1.00 14.85 ? 54   LYS A CD  1 
ATOM   440 C  CE  . LYS A 1 54 ? -1.434  -9.049  8.895   1.00 15.93 ? 54   LYS A CE  1 
ATOM   441 N  NZ  . LYS A 1 54 ? -1.773  -8.205  10.082  1.00 18.83 ? 54   LYS A NZ  1 
ATOM   442 N  N   . ARG A 1 55 ? 3.178   -7.256  3.938   1.00 5.72  ? 55   ARG A N   1 
ATOM   443 C  CA  . ARG A 1 55 ? 4.432   -6.720  3.353   1.00 5.23  ? 55   ARG A CA  1 
ATOM   444 C  C   . ARG A 1 55 ? 4.324   -5.242  3.130   1.00 5.08  ? 55   ARG A C   1 
ATOM   445 O  O   . ARG A 1 55 ? 5.224   -4.466  3.457   1.00 7.07  ? 55   ARG A O   1 
ATOM   446 C  CB  . ARG A 1 55 ? 4.663   -7.412  2.077   1.00 7.83  ? 55   ARG A CB  1 
ATOM   447 C  CG  . ARG A 1 55 ? 5.958   -6.912  1.425   1.00 9.27  ? 55   ARG A CG  1 
ATOM   448 C  CD  . ARG A 1 55 ? 5.975   -7.548  0.012   1.00 13.46 ? 55   ARG A CD  1 
ATOM   449 N  NE  . ARG A 1 55 ? 5.245   -6.674  -0.832  1.00 17.41 ? 55   ARG A NE  1 
ATOM   450 C  CZ  . ARG A 1 55 ? 4.766   -6.912  -2.050  1.00 18.95 ? 55   ARG A CZ  1 
ATOM   451 N  NH1 . ARG A 1 55 ? 4.911   -8.119  -2.666  1.00 21.31 ? 55   ARG A NH1 1 
ATOM   452 N  NH2 . ARG A 1 55 ? 4.186   -5.937  -2.675  1.00 17.68 ? 55   ARG A NH2 1 
ATOM   453 N  N   . ILE A 1 56 ? 3.155   -4.845  2.624   1.00 5.98  ? 56   ILE A N   1 
ATOM   454 C  CA  . ILE A 1 56 ? 2.959   -3.373  2.383   1.00 6.55  ? 56   ILE A CA  1 
ATOM   455 C  C   . ILE A 1 56 ? 3.001   -2.568  3.660   1.00 6.33  ? 56   ILE A C   1 
ATOM   456 O  O   . ILE A 1 56 ? 3.611   -1.494  3.708   1.00 7.55  ? 56   ILE A O   1 
ATOM   457 C  CB  . ILE A 1 56 ? 1.579   -3.194  1.644   1.00 5.15  ? 56   ILE A CB  1 
ATOM   458 C  CG1 . ILE A 1 56 ? 1.804   -3.675  0.220   1.00 5.09  ? 56   ILE A CG1 1 
ATOM   459 C  CG2 . ILE A 1 56 ? 1.108   -1.656  1.715   1.00 6.58  ? 56   ILE A CG2 1 
ATOM   460 C  CD1 . ILE A 1 56 ? 0.471   -3.939  -0.606  1.00 9.17  ? 56   ILE A CD1 1 
ATOM   461 N  N   . LEU A 1 57 ? 2.325   -3.050  4.743   1.00 4.84  ? 57   LEU A N   1 
ATOM   462 C  CA  . LEU A 1 57 ? 2.380   -2.333  5.969   1.00 6.18  ? 57   LEU A CA  1 
ATOM   463 C  C   . LEU A 1 57 ? 3.844   -2.237  6.486   1.00 6.47  ? 57   LEU A C   1 
ATOM   464 O  O   . LEU A 1 57 ? 4.232   -1.248  7.063   1.00 8.52  ? 57   LEU A O   1 
ATOM   465 C  CB  . LEU A 1 57 ? 1.513   -2.970  7.096   1.00 8.09  ? 57   LEU A CB  1 
ATOM   466 C  CG  . LEU A 1 57 ? 0.086   -3.026  6.706   1.00 9.74  ? 57   LEU A CG  1 
ATOM   467 C  CD1 . LEU A 1 57 ? -0.651  -3.659  7.951   1.00 13.00 ? 57   LEU A CD1 1 
ATOM   468 C  CD2 . LEU A 1 57 ? -0.380  -1.620  6.447   1.00 10.42 ? 57   LEU A CD2 1 
ATOM   469 N  N   . ARG A 1 58 ? 4.567   -3.353  6.400   1.00 6.46  ? 58   ARG A N   1 
ATOM   470 C  CA  . ARG A 1 58 ? 6.020   -3.338  6.810   1.00 6.21  ? 58   ARG A CA  1 
ATOM   471 C  C   . ARG A 1 58 ? 6.782   -2.324  6.058   1.00 7.52  ? 58   ARG A C   1 
ATOM   472 O  O   . ARG A 1 58 ? 7.492   -1.518  6.615   1.00 7.37  ? 58   ARG A O   1 
ATOM   473 C  CB  . ARG A 1 58 ? 6.637   -4.702  6.520   1.00 8.41  ? 58   ARG A CB  1 
ATOM   474 C  CG  . ARG A 1 58 ? 8.061   -4.902  7.088   1.00 8.35  ? 58   ARG A CG  1 
ATOM   475 C  CD  . ARG A 1 58 ? 8.595   -6.274  6.622   1.00 11.14 ? 58   ARG A CD  1 
ATOM   476 N  NE  . ARG A 1 58 ? 8.935   -6.468  5.225   1.00 17.25 ? 58   ARG A NE  1 
ATOM   477 C  CZ  . ARG A 1 58 ? 8.451   -7.538  4.509   1.00 15.52 ? 58   ARG A CZ  1 
ATOM   478 N  NH1 . ARG A 1 58 ? 8.834   -7.701  3.290   1.00 19.37 ? 58   ARG A NH1 1 
ATOM   479 N  NH2 . ARG A 1 58 ? 7.372   -8.348  4.927   1.00 10.05 ? 58   ARG A NH2 1 
ATOM   480 N  N   . ASP A 1 59 ? 6.684   -2.363  4.744   1.00 5.35  ? 59   ASP A N   1 
ATOM   481 C  CA  . ASP A 1 59 ? 7.486   -1.418  3.965   1.00 5.52  ? 59   ASP A CA  1 
ATOM   482 C  C   . ASP A 1 59 ? 6.994   0.025   4.138   1.00 5.66  ? 59   ASP A C   1 
ATOM   483 O  O   . ASP A 1 59 ? 7.814   0.970   4.066   1.00 6.49  ? 59   ASP A O   1 
ATOM   484 C  CB  . ASP A 1 59 ? 7.378   -1.743  2.480   1.00 7.16  ? 59   ASP A CB  1 
ATOM   485 C  CG  . ASP A 1 59 ? 8.074   -3.051  2.109   1.00 9.54  ? 59   ASP A CG  1 
ATOM   486 O  OD1 . ASP A 1 59 ? 8.943   -3.506  2.872   1.00 13.14 ? 59   ASP A OD1 1 
ATOM   487 O  OD2 . ASP A 1 59 ? 7.740   -3.577  1.028   1.00 10.36 ? 59   ASP A OD2 1 
ATOM   488 N  N   . ALA A 1 60 ? 5.711   0.206   4.378   1.00 5.69  ? 60   ALA A N   1 
ATOM   489 C  CA  . ALA A 1 60 ? 5.186   1.596   4.661   1.00 5.27  ? 60   ALA A CA  1 
ATOM   490 C  C   . ALA A 1 60 ? 5.438   2.073   6.069   1.00 5.96  ? 60   ALA A C   1 
ATOM   491 O  O   . ALA A 1 60 ? 5.055   3.151   6.481   1.00 7.84  ? 60   ALA A O   1 
ATOM   492 C  CB  . ALA A 1 60 ? 3.675   1.637   4.348   1.00 6.87  ? 60   ALA A CB  1 
ATOM   493 N  N   . GLY A 1 61 ? 5.975   1.197   6.941   1.00 7.18  ? 61   GLY A N   1 
ATOM   494 C  CA  . GLY A 1 61 ? 6.243   1.610   8.314   1.00 9.07  ? 61   GLY A CA  1 
ATOM   495 C  C   . GLY A 1 61 ? 4.947   1.859   9.089   1.00 8.74  ? 61   GLY A C   1 
ATOM   496 O  O   . GLY A 1 61 ? 4.930   2.759   9.919   1.00 10.85 ? 61   GLY A O   1 
ATOM   497 N  N   . LEU A 1 62 ? 3.840   1.115   8.845   1.00 7.61  ? 62   LEU A N   1 
ATOM   498 C  CA  . LEU A 1 62 ? 2.560   1.286   9.491   1.00 9.25  ? 62   LEU A CA  1 
ATOM   499 C  C   . LEU A 1 62 ? 2.083   0.220   10.399  1.00 12.88 ? 62   LEU A C   1 
ATOM   500 O  O   . LEU A 1 62 ? 2.369   -0.906  10.166  1.00 13.19 ? 62   LEU A O   1 
ATOM   501 C  CB  . LEU A 1 62 ? 1.442   1.441   8.383   1.00 10.30 ? 62   LEU A CB  1 
ATOM   502 C  CG  . LEU A 1 62 ? 1.636   2.633   7.471   1.00 10.10 ? 62   LEU A CG  1 
ATOM   503 C  CD1 . LEU A 1 62 ? 0.536   2.665   6.385   1.00 10.89 ? 62   LEU A CD1 1 
ATOM   504 C  CD2 . LEU A 1 62 ? 1.409   3.877   8.424   1.00 14.38 ? 62   LEU A CD2 1 
ATOM   505 N  N   . THR A 1 63 ? 1.236   0.617   11.362  1.00 16.12 ? 63   THR A N   1 
ATOM   506 C  CA  . THR A 1 63 ? 0.520   -0.409  12.127  1.00 19.72 ? 63   THR A CA  1 
ATOM   507 C  C   . THR A 1 63 ? -0.855  -0.540  11.452  1.00 20.56 ? 63   THR A C   1 
ATOM   508 O  O   . THR A 1 63 ? -1.264  0.348   10.681  1.00 17.36 ? 63   THR A O   1 
ATOM   509 C  CB  . THR A 1 63 ? 0.222   0.125   13.553  1.00 20.17 ? 63   THR A CB  1 
ATOM   510 O  OG1 . THR A 1 63 ? -0.479  1.408   13.515  1.00 23.40 ? 63   THR A OG1 1 
ATOM   511 C  CG2 . THR A 1 63 ? 1.497   0.350   14.253  1.00 23.45 ? 63   THR A CG2 1 
ATOM   512 N  N   . GLU A 1 64 ? -1.639  -1.547  11.837  1.00 20.93 ? 64   GLU A N   1 
ATOM   513 C  CA  . GLU A 1 64 ? -3.004  -1.727  11.291  1.00 21.35 ? 64   GLU A CA  1 
ATOM   514 C  C   . GLU A 1 64 ? -3.851  -0.558  11.659  1.00 20.10 ? 64   GLU A C   1 
ATOM   515 O  O   . GLU A 1 64 ? -4.685  -0.109  10.896  1.00 18.35 ? 64   GLU A O   1 
ATOM   516 C  CB  . GLU A 1 64 ? -3.621  -2.919  11.899  1.00 26.66 ? 64   GLU A CB  1 
ATOM   517 C  CG  . GLU A 1 64 ? -2.956  -4.159  11.478  1.00 34.61 ? 64   GLU A CG  1 
ATOM   518 C  CD  . GLU A 1 64 ? -3.466  -4.624  10.204  1.00 37.73 ? 64   GLU A CD  1 
ATOM   519 O  OE1 . GLU A 1 64 ? -2.815  -4.309  9.217   1.00 41.70 ? 64   GLU A OE1 1 
ATOM   520 O  OE2 . GLU A 1 64 ? -4.517  -5.300  10.169  1.00 41.22 ? 64   GLU A OE2 1 
ATOM   521 N  N   . GLU A 1 65 ? -3.728  -0.095  12.927  1.00 19.77 ? 65   GLU A N   1 
ATOM   522 C  CA  . GLU A 1 65 ? -4.522  1.023   13.337  1.00 18.00 ? 65   GLU A CA  1 
ATOM   523 C  C   . GLU A 1 65 ? -4.373  2.249   12.504  1.00 19.01 ? 65   GLU A C   1 
ATOM   524 O  O   . GLU A 1 65 ? -5.415  2.890   12.089  1.00 16.65 ? 65   GLU A O   1 
ATOM   525 C  CB  . GLU A 1 65 ? -4.228  1.474   14.763  1.00 23.08 ? 65   GLU A CB  1 
ATOM   526 C  CG  . GLU A 1 65 ? -5.231  2.615   15.285  1.00 28.07 ? 65   GLU A CG  1 
ATOM   527 C  CD  . GLU A 1 65 ? -4.870  3.222   16.681  1.00 32.58 ? 65   GLU A CD  1 
ATOM   528 O  OE1 . GLU A 1 65 ? -4.080  2.546   17.386  1.00 34.49 ? 65   GLU A OE1 1 
ATOM   529 O  OE2 . GLU A 1 65 ? -5.384  4.352   17.049  1.00 32.20 ? 65   GLU A OE2 1 
ATOM   530 N  N   . GLU A 1 66 ? -3.097  2.572   12.277  1.00 16.14 ? 66   GLU A N   1 
ATOM   531 C  CA  . GLU A 1 66 ? -2.842  3.772   11.515  1.00 16.07 ? 66   GLU A CA  1 
ATOM   532 C  C   . GLU A 1 66 ? -3.374  3.556   10.164  1.00 13.48 ? 66   GLU A C   1 
ATOM   533 O  O   . GLU A 1 66 ? -3.934  4.514   9.552   1.00 13.40 ? 66   GLU A O   1 
ATOM   534 C  CB  . GLU A 1 66 ? -1.347  4.077   11.442  1.00 16.93 ? 66   GLU A CB  1 
ATOM   535 C  CG  . GLU A 1 66 ? -0.741  4.355   12.752  1.00 22.48 ? 66   GLU A CG  1 
ATOM   536 C  CD  . GLU A 1 66 ? 0.764   4.455   12.667  1.00 26.98 ? 66   GLU A CD  1 
ATOM   537 O  OE1 . GLU A 1 66 ? 1.438   3.633   12.060  1.00 27.09 ? 66   GLU A OE1 1 
ATOM   538 O  OE2 . GLU A 1 66 ? 1.322   5.361   13.303  1.00 31.09 ? 66   GLU A OE2 1 
ATOM   539 N  N   . PHE A 1 67 ? -3.169  2.361   9.625   1.00 11.79 ? 67   PHE A N   1 
ATOM   540 C  CA  . PHE A 1 67 ? -3.672  2.137   8.327   1.00 10.37 ? 67   PHE A CA  1 
ATOM   541 C  C   . PHE A 1 67 ? -5.203  2.353   8.142   1.00 9.10  ? 67   PHE A C   1 
ATOM   542 O  O   . PHE A 1 67 ? -5.669  2.969   7.194   1.00 7.94  ? 67   PHE A O   1 
ATOM   543 C  CB  . PHE A 1 67 ? -3.312  0.706   7.872   1.00 7.56  ? 67   PHE A CB  1 
ATOM   544 C  CG  . PHE A 1 67 ? -3.959  0.314   6.584   1.00 6.78  ? 67   PHE A CG  1 
ATOM   545 C  CD1 . PHE A 1 67 ? -3.341  0.636   5.352   1.00 9.06  ? 67   PHE A CD1 1 
ATOM   546 C  CD2 . PHE A 1 67 ? -5.242  -0.358  6.551   1.00 8.32  ? 67   PHE A CD2 1 
ATOM   547 C  CE1 . PHE A 1 67 ? -3.953  0.304   4.114   1.00 9.00  ? 67   PHE A CE1 1 
ATOM   548 C  CE2 . PHE A 1 67 ? -5.833  -0.684  5.290   1.00 8.58  ? 67   PHE A CE2 1 
ATOM   549 C  CZ  . PHE A 1 67 ? -5.191  -0.359  4.073   1.00 10.71 ? 67   PHE A CZ  1 
ATOM   550 N  N   . HIS A 1 68 ? -5.915  1.722   9.023   1.00 9.94  ? 68   HIS A N   1 
ATOM   551 C  CA  . HIS A 1 68 ? -7.410  1.827   8.887   1.00 10.67 ? 68   HIS A CA  1 
ATOM   552 C  C   . HIS A 1 68 ? -7.964  3.245   9.055   1.00 11.02 ? 68   HIS A C   1 
ATOM   553 O  O   . HIS A 1 68 ? -8.977  3.592   8.436   1.00 11.36 ? 68   HIS A O   1 
ATOM   554 C  CB  . HIS A 1 68 ? -8.057  0.881   9.858   1.00 12.77 ? 68   HIS A CB  1 
ATOM   555 C  CG  . HIS A 1 68 ? -7.902  -0.563  9.427   1.00 11.32 ? 68   HIS A CG  1 
ATOM   556 N  ND1 . HIS A 1 68 ? -8.389  -0.974  8.193   1.00 12.58 ? 68   HIS A ND1 1 
ATOM   557 C  CD2 . HIS A 1 68 ? -7.334  -1.657  9.995   1.00 13.53 ? 68   HIS A CD2 1 
ATOM   558 C  CE1 . HIS A 1 68 ? -8.125  -2.241  8.028   1.00 15.27 ? 68   HIS A CE1 1 
ATOM   559 N  NE2 . HIS A 1 68 ? -7.487  -2.670  9.096   1.00 16.01 ? 68   HIS A NE2 1 
ATOM   560 N  N   . ASN A 1 69 ? -7.243  4.052   9.811   1.00 10.66 ? 69   ASN A N   1 
ATOM   561 C  CA  . ASN A 1 69 ? -7.815  5.413   10.054  1.00 11.13 ? 69   ASN A CA  1 
ATOM   562 C  C   . ASN A 1 69 ? -7.515  6.362   8.897   1.00 12.41 ? 69   ASN A C   1 
ATOM   563 O  O   . ASN A 1 69 ? -8.054  7.480   8.856   1.00 13.78 ? 69   ASN A O   1 
ATOM   564 C  CB  . ASN A 1 69 ? -7.194  6.001   11.317  1.00 11.92 ? 69   ASN A CB  1 
ATOM   565 C  CG  . ASN A 1 69 ? -7.840  5.448   12.574  1.00 13.14 ? 69   ASN A CG  1 
ATOM   566 O  OD1 . ASN A 1 69 ? -8.997  4.939   12.514  1.00 13.61 ? 69   ASN A OD1 1 
ATOM   567 N  ND2 . ASN A 1 69 ? -7.119  5.432   13.663  1.00 17.04 ? 69   ASN A ND2 1 
ATOM   568 N  N   . LEU A 1 70 ? -6.726  5.945   7.929   1.00 9.28  ? 70   LEU A N   1 
ATOM   569 C  CA  . LEU A 1 70 ? -6.482  6.911   6.805   1.00 10.57 ? 70   LEU A CA  1 
ATOM   570 C  C   . LEU A 1 70 ? -7.519  6.877   5.754   1.00 8.43  ? 70   LEU A C   1 
ATOM   571 O  O   . LEU A 1 70 ? -8.240  5.901   5.562   1.00 11.48 ? 70   LEU A O   1 
ATOM   572 C  CB  . LEU A 1 70 ? -5.130  6.567   6.062   1.00 8.87  ? 70   LEU A CB  1 
ATOM   573 C  CG  . LEU A 1 70 ? -3.899  6.681   6.954   1.00 9.02  ? 70   LEU A CG  1 
ATOM   574 C  CD1 . LEU A 1 70 ? -2.757  5.827   6.467   1.00 12.81 ? 70   LEU A CD1 1 
ATOM   575 C  CD2 . LEU A 1 70 ? -3.579  8.151   6.809   1.00 14.89 ? 70   LEU A CD2 1 
ATOM   576 O  OXT . LEU A 1 70 ? -7.639  7.945   5.118   1.00 10.97 ? 70   LEU A OXT 1 
HETATM 577 CL CL  . CL  B 2 .  ? -6.275  10.132  8.651   1.00 53.69 ? 1001 CL  A CL  1 
HETATM 578 O  O   . HOH C 3 .  ? 0.675   9.615   -6.301  1.00 6.61  ? 1002 HOH A O   1 
HETATM 579 O  O   . HOH C 3 .  ? -5.218  10.183  -0.856  1.00 8.87  ? 1003 HOH A O   1 
HETATM 580 O  O   . HOH C 3 .  ? -6.081  -11.689 -4.640  1.00 12.12 ? 1004 HOH A O   1 
HETATM 581 O  O   . HOH C 3 .  ? 0.732   11.821  -1.815  1.00 6.37  ? 1005 HOH A O   1 
HETATM 582 O  O   . HOH C 3 .  ? 10.411  1.293   3.022   1.00 8.38  ? 1006 HOH A O   1 
HETATM 583 O  O   . HOH C 3 .  ? -8.315  -2.106  -5.913  1.00 7.76  ? 1007 HOH A O   1 
HETATM 584 O  O   . HOH C 3 .  ? 4.593   13.881  -0.967  1.00 10.80 ? 1008 HOH A O   1 
HETATM 585 O  O   . HOH C 3 .  ? 10.746  -2.781  4.660   1.00 13.18 ? 1009 HOH A O   1 
HETATM 586 O  O   . HOH C 3 .  ? -10.886 -0.932  -5.787  1.00 9.99  ? 1010 HOH A O   1 
HETATM 587 O  O   . HOH C 3 .  ? -10.376 -1.986  1.236   1.00 9.94  ? 1011 HOH A O   1 
HETATM 588 O  O   . HOH C 3 .  ? -3.544  -7.048  -6.759  1.00 9.25  ? 1012 HOH A O   1 
HETATM 589 O  O   . HOH C 3 .  ? 3.096   -11.399 -0.478  1.00 10.42 ? 1013 HOH A O   1 
HETATM 590 O  O   . HOH C 3 .  ? 5.941   4.459   -14.837 1.00 16.69 ? 1014 HOH A O   1 
HETATM 591 O  O   . HOH C 3 .  ? 10.628  5.226   -11.296 1.00 13.59 ? 1015 HOH A O   1 
HETATM 592 O  O   . HOH C 3 .  ? 3.443   7.420   8.357   1.00 10.69 ? 1016 HOH A O   1 
HETATM 593 O  O   . HOH C 3 .  ? -1.203  6.603   -7.961  1.00 17.35 ? 1017 HOH A O   1 
HETATM 594 O  O   . HOH C 3 .  ? 12.028  9.111   -1.416  1.00 17.50 ? 1018 HOH A O   1 
HETATM 595 O  O   . HOH C 3 .  ? -3.688  -11.778 -6.134  1.00 9.37  ? 1019 HOH A O   1 
HETATM 596 O  O   . HOH C 3 .  ? -5.004  10.492  -3.670  1.00 13.64 ? 1020 HOH A O   1 
HETATM 597 O  O   . HOH C 3 .  ? -0.008  -10.141 -4.093  1.00 14.09 ? 1021 HOH A O   1 
HETATM 598 O  O   . HOH C 3 .  ? 3.875   -7.047  -5.319  1.00 16.98 ? 1022 HOH A O   1 
HETATM 599 O  O   . HOH C 3 .  ? -11.373 3.140   -4.886  1.00 12.50 ? 1023 HOH A O   1 
HETATM 600 O  O   . HOH C 3 .  ? -4.462  -14.459 1.978   1.00 26.00 ? 1024 HOH A O   1 
HETATM 601 O  O   . HOH C 3 .  ? -5.607  -7.282  -13.906 1.00 12.59 ? 1025 HOH A O   1 
HETATM 602 O  O   . HOH C 3 .  ? -5.694  5.312   -8.897  1.00 12.16 ? 1026 HOH A O   1 
HETATM 603 O  O   . HOH C 3 .  ? 3.259   -5.791  8.678   1.00 17.62 ? 1027 HOH A O   1 
HETATM 604 O  O   . HOH C 3 .  ? 7.775   -3.064  -1.633  1.00 19.69 ? 1028 HOH A O   1 
HETATM 605 O  O   . HOH C 3 .  ? -14.028 -11.496 -2.724  1.00 22.15 ? 1029 HOH A O   1 
HETATM 606 O  O   . HOH C 3 .  ? 2.680   -8.202  -14.856 1.00 26.37 ? 1030 HOH A O   1 
HETATM 607 O  O   . HOH C 3 .  ? -5.796  4.467   -5.316  1.00 20.66 ? 1031 HOH A O   1 
HETATM 608 O  O   . HOH C 3 .  ? -4.046  -16.484 6.687   1.00 24.21 ? 1032 HOH A O   1 
HETATM 609 O  O   . HOH C 3 .  ? 8.347   6.656   8.360   1.00 14.94 ? 1033 HOH A O   1 
HETATM 610 O  O   . HOH C 3 .  ? 1.972   -9.515  -7.921  1.00 16.01 ? 1034 HOH A O   1 
HETATM 611 O  O   . HOH C 3 .  ? -5.142  -0.204  17.939  1.00 35.36 ? 1035 HOH A O   1 
HETATM 612 O  O   . HOH C 3 .  ? -3.583  7.024   10.635  1.00 17.75 ? 1036 HOH A O   1 
HETATM 613 O  O   . HOH C 3 .  ? -6.208  -10.188 -12.175 1.00 23.89 ? 1037 HOH A O   1 
HETATM 614 O  O   . HOH C 3 .  ? 11.039  -0.878  1.450   1.00 17.66 ? 1038 HOH A O   1 
HETATM 615 O  O   . HOH C 3 .  ? -7.127  -12.117 -0.263  1.00 19.64 ? 1039 HOH A O   1 
HETATM 616 O  O   . HOH C 3 .  ? 4.734   6.724   -12.471 1.00 30.36 ? 1040 HOH A O   1 
HETATM 617 O  O   . HOH C 3 .  ? -3.750  -9.845  11.445  1.00 28.61 ? 1041 HOH A O   1 
HETATM 618 O  O   . HOH C 3 .  ? -9.616  -14.101 10.309  1.00 34.80 ? 1042 HOH A O   1 
HETATM 619 O  O   . HOH C 3 .  ? -7.944  -5.431  6.691   1.00 28.66 ? 1043 HOH A O   1 
HETATM 620 O  O   . HOH C 3 .  ? 14.000  8.938   7.378   1.00 30.88 ? 1044 HOH A O   1 
HETATM 621 O  O   . HOH C 3 .  ? -10.623 5.040   -1.748  1.00 25.37 ? 1045 HOH A O   1 
HETATM 622 O  O   . HOH C 3 .  ? -11.274 1.312   3.375   1.00 22.18 ? 1046 HOH A O   1 
HETATM 623 O  O   . HOH C 3 .  ? 5.168   -3.857  -0.327  1.00 25.25 ? 1047 HOH A O   1 
HETATM 624 O  O   . HOH C 3 .  ? 5.285   -1.598  10.806  1.00 18.28 ? 1048 HOH A O   1 
HETATM 625 O  O   . HOH C 3 .  ? -1.131  8.888   -11.832 1.00 42.97 ? 1049 HOH A O   1 
HETATM 626 O  O   . HOH C 3 .  ? 0.099   -1.160  -15.034 1.00 26.24 ? 1050 HOH A O   1 
HETATM 627 O  O   . HOH C 3 .  ? 9.073   -6.009  -0.038  1.00 26.49 ? 1051 HOH A O   1 
HETATM 628 O  O   . HOH C 3 .  ? -8.834  -6.885  11.396  1.00 36.83 ? 1052 HOH A O   1 
HETATM 629 O  O   . HOH C 3 .  ? -2.519  -1.859  15.200  1.00 31.17 ? 1053 HOH A O   1 
HETATM 630 O  O   . HOH C 3 .  ? -12.181 -5.081  -5.361  1.00 26.20 ? 1054 HOH A O   1 
HETATM 631 O  O   . HOH C 3 .  ? -4.341  6.844   13.477  1.00 28.58 ? 1055 HOH A O   1 
HETATM 632 O  O   . HOH C 3 .  ? -1.021  2.591   16.006  1.00 30.36 ? 1056 HOH A O   1 
HETATM 633 O  O   . HOH C 3 .  ? -2.606  -9.369  -5.376  1.00 12.75 ? 1057 HOH A O   1 
HETATM 634 O  O   . HOH C 3 .  ? 4.124   9.783   7.515   1.00 15.94 ? 1058 HOH A O   1 
HETATM 635 O  O   . HOH C 3 .  ? 2.409   -9.405  -5.169  1.00 21.32 ? 1059 HOH A O   1 
HETATM 636 O  O   . HOH C 3 .  ? 9.212   8.506   -12.022 1.00 24.59 ? 1060 HOH A O   1 
HETATM 637 O  O   . HOH C 3 .  ? 6.943   13.450  -2.455  1.00 22.67 ? 1061 HOH A O   1 
HETATM 638 O  O   . HOH C 3 .  ? -9.184  -0.742  3.437   1.00 18.28 ? 1062 HOH A O   1 
HETATM 639 O  O   . HOH C 3 .  ? -3.073  5.715   -10.134 1.00 13.08 ? 1063 HOH A O   1 
HETATM 640 O  O   . HOH C 3 .  ? -8.552  -11.943 -6.071  1.00 19.85 ? 1064 HOH A O   1 
HETATM 641 O  O   . HOH C 3 .  ? 14.747  11.152  2.914   1.00 26.10 ? 1065 HOH A O   1 
HETATM 642 O  O   . HOH C 3 .  ? 8.384   10.992  -2.584  1.00 21.20 ? 1066 HOH A O   1 
HETATM 643 O  O   . HOH C 3 .  ? 6.053   -4.327  -13.559 1.00 22.73 ? 1067 HOH A O   1 
HETATM 644 O  O   . HOH C 3 .  ? -10.255 10.332  8.234   1.00 30.33 ? 1068 HOH A O   1 
HETATM 645 O  O   . HOH C 3 .  ? -4.722  -18.911 7.402   1.00 36.13 ? 1069 HOH A O   1 
HETATM 646 O  O   . HOH C 3 .  ? 8.130   -5.377  -2.482  1.00 27.32 ? 1070 HOH A O   1 
HETATM 647 O  O   . HOH C 3 .  ? 2.249   -1.855  -18.266 1.00 31.11 ? 1071 HOH A O   1 
HETATM 648 O  O   . HOH C 3 .  ? 0.177   -12.800 -4.928  1.00 27.30 ? 1072 HOH A O   1 
HETATM 649 O  O   . HOH C 3 .  ? -0.237  -1.497  -17.801 1.00 31.87 ? 1073 HOH A O   1 
HETATM 650 O  O   . HOH C 3 .  ? -9.714  9.039   10.357  1.00 26.13 ? 1074 HOH A O   1 
HETATM 651 O  O   . HOH C 3 .  ? -14.745 4.907   -0.323  1.00 39.45 ? 1075 HOH A O   1 
HETATM 652 O  O   . HOH C 3 .  ? -0.189  -7.574  -12.990 1.00 35.19 ? 1076 HOH A O   1 
HETATM 653 O  O   . HOH C 3 .  ? 0.977   6.618   -14.109 1.00 26.50 ? 1077 HOH A O   1 
HETATM 654 O  O   . HOH C 3 .  ? -5.534  -15.482 4.859   1.00 33.17 ? 1078 HOH A O   1 
HETATM 655 O  O   . HOH C 3 .  ? 9.116   13.135  -11.665 1.00 33.16 ? 1079 HOH A O   1 
HETATM 656 O  O   . HOH C 3 .  ? -13.012 4.824   1.626   1.00 28.66 ? 1080 HOH A O   1 
HETATM 657 O  O   . HOH C 3 .  ? 6.971   2.753   -16.965 1.00 25.64 ? 1081 HOH A O   1 
HETATM 658 O  O   . HOH C 3 .  ? -6.233  -13.397 -2.469  1.00 21.03 ? 1082 HOH A O   1 
HETATM 659 O  O   . HOH C 3 .  ? 3.167   10.983  -9.242  1.00 35.07 ? 1083 HOH A O   1 
HETATM 660 O  O   . HOH C 3 .  ? 8.686   10.555  8.438   1.00 19.38 ? 1084 HOH A O   1 
HETATM 661 O  O   . HOH C 3 .  ? -0.990  7.773   10.447  1.00 30.25 ? 1085 HOH A O   1 
HETATM 662 O  O   . HOH C 3 .  ? -9.454  10.803  1.332   1.00 6.00  ? 1086 HOH A O   1 
HETATM 663 O  O   . HOH C 3 .  ? 12.999  13.222  -0.025  1.00 32.02 ? 1087 HOH A O   1 
HETATM 664 O  O   . HOH C 3 .  ? -11.782 -12.677 0.878   1.00 39.42 ? 1088 HOH A O   1 
HETATM 665 O  O   . HOH C 3 .  ? -12.896 5.585   -1.561  1.00 43.43 ? 1089 HOH A O   1 
HETATM 666 O  O   . HOH C 3 .  ? -3.693  7.778   -11.684 1.00 27.94 ? 1090 HOH A O   1 
HETATM 667 O  O   . HOH C 3 .  ? 1.304   6.823   10.207  1.00 29.44 ? 1091 HOH A O   1 
HETATM 668 O  O   . HOH C 3 .  ? 4.927   1.734   -18.451 1.00 34.74 ? 1092 HOH A O   1 
HETATM 669 O  O   . HOH C 3 .  ? 3.503   3.595   -17.470 1.00 43.91 ? 1093 HOH A O   1 
HETATM 670 O  O   . HOH C 3 .  ? -15.674 3.897   1.816   1.00 49.22 ? 1094 HOH A O   1 
HETATM 671 O  O   . HOH C 3 .  ? -10.665 -13.571 3.458   1.00 47.51 ? 1095 HOH A O   1 
HETATM 672 O  O   . HOH C 3 .  ? -7.524  -15.192 8.054   1.00 38.89 ? 1096 HOH A O   1 
HETATM 673 O  O   . HOH C 3 .  ? -6.902  -5.305  9.261   1.00 43.67 ? 1097 HOH A O   1 
HETATM 674 O  O   . HOH C 3 .  ? -5.906  -18.093 9.497   1.00 45.08 ? 1098 HOH A O   1 
HETATM 675 O  O   . HOH C 3 .  ? 12.950  10.463  9.409   1.00 31.68 ? 1099 HOH A O   1 
HETATM 676 O  O   . HOH C 3 .  ? 3.269   5.888   -15.638 1.00 38.92 ? 1100 HOH A O   1 
HETATM 677 O  O   . HOH C 3 .  ? 10.869  11.869  -2.079  1.00 31.51 ? 1101 HOH A O   1 
HETATM 678 O  O   . HOH C 3 .  ? -0.546  6.108   15.819  1.00 33.19 ? 1102 HOH A O   1 
HETATM 679 O  O   . HOH C 3 .  ? -2.438  -20.255 6.732   1.00 37.79 ? 1103 HOH A O   1 
HETATM 680 O  O   . HOH C 3 .  ? 16.382  9.233   4.220   1.00 37.95 ? 1104 HOH A O   1 
HETATM 681 O  O   . HOH C 3 .  ? -8.489  9.857   12.312  1.00 44.41 ? 1105 HOH A O   1 
HETATM 682 O  O   . HOH C 3 .  ? 12.430  12.570  7.112   1.00 29.80 ? 1106 HOH A O   1 
HETATM 683 O  O   . HOH C 3 .  ? 6.419   -4.933  -15.915 1.00 34.62 ? 1107 HOH A O   1 
HETATM 684 O  O   . HOH C 3 .  ? 6.591   12.412  -11.257 1.00 42.46 ? 1108 HOH A O   1 
HETATM 685 O  O   . HOH C 3 .  ? 1.489   -1.228  -20.413 1.00 39.72 ? 1109 HOH A O   1 
HETATM 686 O  O   . HOH C 3 .  ? -11.810 -16.130 10.040  1.00 44.34 ? 1110 HOH A O   1 
HETATM 687 O  O   . HOH C 3 .  ? 10.479  12.081  9.000   1.00 47.38 ? 1111 HOH A O   1 
HETATM 688 O  O   . HOH C 3 .  ? -4.680  -19.971 10.023  1.00 36.83 ? 1112 HOH A O   1 
HETATM 689 O  O   . HOH C 3 .  ? 6.382   14.372  -5.493  1.00 40.62 ? 1113 HOH A O   1 
HETATM 690 O  O   . HOH C 3 .  ? -7.729  -16.450 5.741   1.00 41.01 ? 1114 HOH A O   1 
HETATM 691 O  O   . HOH C 3 .  ? -4.279  9.480   9.911   1.00 39.64 ? 1115 HOH A O   1 
HETATM 692 O  O   . HOH C 3 .  ? -10.212 -17.012 11.498  1.00 43.56 ? 1116 HOH A O   1 
HETATM 693 O  O   . HOH C 3 .  ? 12.050  -5.427  4.301   1.00 44.81 ? 1117 HOH A O   1 
HETATM 694 O  O   . HOH C 3 .  ? 4.480   -4.954  -18.463 1.00 38.93 ? 1118 HOH A O   1 
HETATM 695 O  O   . HOH C 3 .  ? -7.980  -17.604 9.331   1.00 47.73 ? 1119 HOH A O   1 
HETATM 696 O  O   . HOH C 3 .  ? -9.407  -7.175  9.129   1.00 44.12 ? 1120 HOH A O   1 
HETATM 697 O  O   . HOH C 3 .  ? -7.556  -13.968 1.356   1.00 40.29 ? 1121 HOH A O   1 
# 
